data_7SZR
#
_entry.id   7SZR
#
_cell.length_a   144.540
_cell.length_b   144.540
_cell.length_c   46.040
_cell.angle_alpha   90.000
_cell.angle_beta   90.000
_cell.angle_gamma   90.000
#
_symmetry.space_group_name_H-M   'P 43'
#
loop_
_entity.id
_entity.type
_entity.pdbx_description
1 polymer 'Mitogen-activated protein kinase kinase kinase 14'
2 non-polymer 'SULFATE ION'
3 non-polymer 1-(3-{[(1R,4R,5S)-4-hydroxy-2-methyl-3-oxo-2-azabicyclo[3.1.0]hexan-4-yl]ethynyl}phenyl)-1H-pyrazolo[3,4-b]pyridine-3-carboxamide
#
_entity_poly.entity_id   1
_entity_poly.type   'polypeptide(L)'
_entity_poly.pdbx_seq_one_letter_code
;GSALEKVPVEEYLVHALQGSVSSGQAHSLASLAKTWSSGSAKLQRLGPETEDNEGVLLTEKLKPVDYEYREEVHWMTHQP
RVGRGSFGEVHRMKDKQTGFQCAVKKVRLEVFRVEELVACAGLSSPRIVPLYGAVREGPWVNIFMELLEGGSLGQLIKQM
GCLPEDRALYYLGQALEGLEYLHTRRILHGDVKADNVLLSSDGSRAALCDFGHALCLQPDGLGKSLLTGDYIPGTETHMA
PEVVMGKPCDAKVDIWSSCCMMLHMLNGCHPWTQYFRGPLCLKIASEPPPIREIPPSCAPLTAQAIQEGLRKEPVHRASA
MELRRKVGKALQEVGGLKSPWKGEYKEPRGNS
;
_entity_poly.pdbx_strand_id   A,B
#
loop_
_chem_comp.id
_chem_comp.type
_chem_comp.name
_chem_comp.formula
DYQ non-polymer 1-(3-{[(1R,4R,5S)-4-hydroxy-2-methyl-3-oxo-2-azabicyclo[3.1.0]hexan-4-yl]ethynyl}phenyl)-1H-pyrazolo[3,4-b]pyridine-3-carboxamide 'C21 H17 N5 O3'
SO4 non-polymer 'SULFATE ION' 'O4 S -2'
#
# COMPACT_ATOMS: atom_id res chain seq x y z
N PRO A 8 -1.57 10.84 -18.61
CA PRO A 8 -1.54 9.90 -19.74
C PRO A 8 -1.50 8.44 -19.29
N VAL A 9 -0.43 8.07 -18.58
CA VAL A 9 -0.28 6.70 -18.12
C VAL A 9 -1.19 6.39 -16.94
N GLU A 10 -1.74 7.41 -16.28
CA GLU A 10 -2.61 7.19 -15.13
C GLU A 10 -3.74 6.22 -15.46
N GLU A 11 -4.31 6.35 -16.66
CA GLU A 11 -5.40 5.46 -17.07
C GLU A 11 -4.93 4.01 -17.13
N TYR A 12 -3.67 3.79 -17.55
CA TYR A 12 -3.15 2.44 -17.70
C TYR A 12 -2.83 1.78 -16.36
N LEU A 13 -2.49 2.58 -15.34
CA LEU A 13 -2.18 2.02 -14.04
C LEU A 13 -3.45 1.60 -13.30
N VAL A 14 -4.53 2.35 -13.48
CA VAL A 14 -5.81 1.98 -12.87
C VAL A 14 -6.26 0.63 -13.40
N HIS A 15 -6.06 0.39 -14.70
CA HIS A 15 -6.49 -0.87 -15.30
CA HIS A 15 -6.50 -0.87 -15.28
C HIS A 15 -5.71 -2.05 -14.74
N ALA A 16 -4.42 -1.85 -14.43
CA ALA A 16 -3.63 -2.92 -13.86
C ALA A 16 -4.12 -3.31 -12.48
N LEU A 17 -4.54 -2.33 -11.68
CA LEU A 17 -5.02 -2.60 -10.34
C LEU A 17 -6.42 -3.21 -10.35
N GLN A 18 -7.24 -2.84 -11.32
CA GLN A 18 -8.60 -3.36 -11.39
C GLN A 18 -8.60 -4.86 -11.67
N GLY A 19 -9.62 -5.53 -11.13
CA GLY A 19 -9.80 -6.96 -11.34
C GLY A 19 -9.00 -7.86 -10.42
N SER A 20 -8.06 -7.30 -9.65
CA SER A 20 -7.19 -8.11 -8.81
C SER A 20 -7.10 -7.48 -7.43
N VAL A 21 -6.72 -8.28 -6.45
CA VAL A 21 -6.31 -7.81 -5.14
C VAL A 21 -4.80 -8.01 -5.06
N SER A 22 -4.07 -6.94 -4.81
CA SER A 22 -2.62 -6.97 -4.88
C SER A 22 -2.00 -6.33 -3.64
N SER A 23 -0.80 -6.81 -3.30
CA SER A 23 0.06 -6.11 -2.35
C SER A 23 0.56 -4.83 -3.01
N GLY A 24 0.22 -3.69 -2.44
CA GLY A 24 0.58 -2.43 -3.05
C GLY A 24 0.87 -1.33 -2.05
N GLN A 25 0.88 -0.09 -2.54
CA GLN A 25 1.17 1.08 -1.72
C GLN A 25 0.03 2.07 -1.79
N ALA A 26 0.02 2.99 -0.82
CA ALA A 26 -1.14 3.84 -0.61
C ALA A 26 -1.57 4.57 -1.87
N HIS A 27 -0.61 4.97 -2.71
CA HIS A 27 -0.99 5.73 -3.91
C HIS A 27 -1.78 4.86 -4.89
N SER A 28 -1.46 3.56 -4.97
CA SER A 28 -2.22 2.66 -5.82
C SER A 28 -3.62 2.44 -5.26
N LEU A 29 -3.73 2.28 -3.94
CA LEU A 29 -5.04 2.12 -3.32
C LEU A 29 -5.92 3.33 -3.62
N ALA A 30 -5.38 4.53 -3.47
CA ALA A 30 -6.17 5.73 -3.65
C ALA A 30 -6.73 5.83 -5.08
N SER A 31 -5.90 5.52 -6.08
CA SER A 31 -6.35 5.66 -7.46
C SER A 31 -7.36 4.58 -7.85
N LEU A 32 -7.15 3.35 -7.38
CA LEU A 32 -8.14 2.30 -7.62
C LEU A 32 -9.45 2.59 -6.87
N ALA A 33 -9.35 3.14 -5.66
CA ALA A 33 -10.54 3.40 -4.87
C ALA A 33 -11.44 4.44 -5.54
N LYS A 34 -10.84 5.41 -6.23
CA LYS A 34 -11.65 6.43 -6.90
C LYS A 34 -12.67 5.80 -7.83
N THR A 35 -12.40 4.60 -8.33
CA THR A 35 -13.33 3.94 -9.22
C THR A 35 -14.52 3.40 -8.47
N TRP A 36 -14.32 3.01 -7.22
CA TRP A 36 -15.36 2.39 -6.42
C TRP A 36 -16.48 3.34 -6.16
N SER A 37 -16.16 4.57 -5.86
CA SER A 37 -17.19 5.57 -5.69
C SER A 37 -18.30 5.34 -6.67
N ASP A 52 -14.53 -8.01 -9.91
CA ASP A 52 -15.51 -7.93 -8.82
C ASP A 52 -14.85 -7.98 -7.44
N ASN A 53 -13.82 -8.81 -7.30
CA ASN A 53 -13.00 -8.86 -6.08
C ASN A 53 -11.67 -8.20 -6.42
N GLU A 54 -11.55 -6.93 -6.09
CA GLU A 54 -10.35 -6.13 -6.37
C GLU A 54 -10.01 -5.32 -5.13
N GLY A 55 -8.76 -4.86 -5.07
CA GLY A 55 -8.33 -4.03 -3.96
C GLY A 55 -6.82 -4.05 -3.81
N VAL A 56 -6.35 -3.26 -2.86
CA VAL A 56 -4.94 -3.14 -2.56
C VAL A 56 -4.74 -3.27 -1.05
N LEU A 57 -3.79 -4.13 -0.66
CA LEU A 57 -3.44 -4.34 0.74
C LEU A 57 -2.06 -3.75 1.00
N LEU A 58 -1.95 -2.93 2.05
CA LEU A 58 -0.76 -2.13 2.27
C LEU A 58 0.23 -2.75 3.23
N THR A 59 -0.03 -3.95 3.74
CA THR A 59 0.90 -4.60 4.64
C THR A 59 1.02 -6.08 4.30
N GLU A 60 2.21 -6.64 4.62
CA GLU A 60 2.45 -8.03 4.30
C GLU A 60 1.71 -8.92 5.24
N LYS A 61 1.14 -8.37 6.27
CA LYS A 61 0.35 -9.17 7.18
C LYS A 61 -1.00 -9.58 6.59
N LEU A 62 -1.46 -8.90 5.53
CA LEU A 62 -2.68 -9.25 4.81
C LEU A 62 -2.32 -9.52 3.35
N LYS A 63 -2.14 -10.80 2.98
CA LYS A 63 -1.67 -11.17 1.65
C LYS A 63 -2.78 -11.77 0.81
N PRO A 64 -2.94 -11.35 -0.44
CA PRO A 64 -3.92 -12.00 -1.31
C PRO A 64 -3.42 -13.36 -1.78
N VAL A 65 -4.35 -14.18 -2.28
CA VAL A 65 -4.01 -15.48 -2.78
C VAL A 65 -4.63 -15.58 -4.13
N ASP A 66 -3.81 -15.79 -5.14
CA ASP A 66 -4.28 -15.89 -6.48
C ASP A 66 -5.17 -14.76 -6.86
N TYR A 67 -4.62 -13.56 -6.81
CA TYR A 67 -5.31 -12.34 -7.25
C TYR A 67 -6.59 -12.07 -6.46
N GLU A 68 -6.79 -12.73 -5.34
CA GLU A 68 -8.04 -12.63 -4.61
C GLU A 68 -7.80 -12.42 -3.11
N TYR A 69 -8.81 -11.84 -2.44
CA TYR A 69 -8.82 -11.70 -0.99
C TYR A 69 -10.31 -11.69 -0.77
N ARG A 70 -10.89 -12.73 -0.19
CA ARG A 70 -12.30 -12.91 -0.07
C ARG A 70 -12.73 -13.25 1.31
N GLU A 71 -13.85 -12.72 1.71
CA GLU A 71 -14.33 -12.92 3.07
C GLU A 71 -14.69 -14.38 3.30
N GLU A 72 -14.24 -14.95 4.40
CA GLU A 72 -14.47 -16.35 4.74
C GLU A 72 -13.65 -17.33 3.98
N VAL A 73 -12.85 -16.89 3.03
CA VAL A 73 -11.96 -17.75 2.32
C VAL A 73 -10.56 -17.40 2.70
N HIS A 74 -10.17 -16.17 2.50
CA HIS A 74 -8.83 -15.73 2.81
C HIS A 74 -8.80 -14.88 4.06
N TRP A 75 -9.93 -14.37 4.50
CA TRP A 75 -10.01 -13.65 5.74
C TRP A 75 -11.22 -14.01 6.51
N MET A 76 -11.11 -14.15 7.82
CA MET A 76 -12.21 -14.60 8.67
C MET A 76 -12.59 -13.69 9.78
N THR A 77 -13.87 -13.39 9.90
CA THR A 77 -14.32 -12.57 10.99
C THR A 77 -14.23 -13.36 12.24
N HIS A 78 -13.77 -12.75 13.32
CA HIS A 78 -13.58 -13.43 14.58
C HIS A 78 -14.89 -13.85 15.09
N GLN A 79 -14.94 -15.01 15.74
CA GLN A 79 -16.22 -15.55 16.20
C GLN A 79 -16.28 -15.58 17.72
N PRO A 80 -17.45 -15.25 18.32
CA PRO A 80 -18.67 -14.84 17.61
C PRO A 80 -18.63 -13.36 17.26
N ARG A 81 -19.38 -12.97 16.25
CA ARG A 81 -19.30 -11.60 15.78
C ARG A 81 -19.66 -10.56 16.80
N VAL A 82 -18.72 -9.76 17.18
CA VAL A 82 -18.90 -8.67 18.13
C VAL A 82 -18.65 -7.38 17.38
N GLY A 83 -19.69 -6.55 17.24
CA GLY A 83 -19.59 -5.35 16.43
C GLY A 83 -19.15 -4.13 17.21
N ARG A 84 -18.56 -3.14 16.50
CA ARG A 84 -18.15 -1.90 17.11
C ARG A 84 -18.60 -0.96 16.05
N GLY A 85 -18.70 0.32 16.39
CA GLY A 85 -19.16 1.30 15.45
C GLY A 85 -20.61 1.63 15.64
N SER A 86 -21.05 2.74 15.09
CA SER A 86 -22.42 3.17 15.24
C SER A 86 -23.36 2.20 14.56
N PHE A 87 -22.95 1.64 13.41
CA PHE A 87 -23.78 0.70 12.66
C PHE A 87 -23.35 -0.75 12.86
N GLY A 88 -22.53 -1.03 13.86
CA GLY A 88 -22.04 -2.39 14.04
C GLY A 88 -21.28 -2.89 12.83
N GLU A 89 -20.52 -2.00 12.18
CA GLU A 89 -19.81 -2.32 10.95
C GLU A 89 -18.38 -2.74 11.10
N VAL A 90 -17.79 -2.50 12.26
CA VAL A 90 -16.38 -2.80 12.48
C VAL A 90 -16.23 -4.11 13.21
N HIS A 91 -15.28 -4.97 12.81
CA HIS A 91 -15.10 -6.28 13.42
C HIS A 91 -13.64 -6.64 13.53
N ARG A 92 -13.34 -7.45 14.54
CA ARG A 92 -12.07 -8.16 14.60
C ARG A 92 -12.03 -9.20 13.50
N MET A 93 -10.83 -9.47 12.99
CA MET A 93 -10.66 -10.40 11.88
C MET A 93 -9.24 -10.93 11.89
N LYS A 94 -9.05 -12.02 11.15
CA LYS A 94 -7.77 -12.69 11.05
C LYS A 94 -7.51 -13.04 9.59
N ASP A 95 -6.30 -12.75 9.12
CA ASP A 95 -5.86 -13.28 7.84
C ASP A 95 -5.63 -14.77 8.00
N LYS A 96 -6.35 -15.59 7.23
CA LYS A 96 -6.22 -17.03 7.39
C LYS A 96 -4.80 -17.47 7.09
N GLN A 97 -4.18 -16.91 6.04
CA GLN A 97 -2.83 -17.32 5.69
C GLN A 97 -1.84 -16.96 6.79
N THR A 98 -1.82 -15.70 7.20
CA THR A 98 -0.74 -15.19 8.04
C THR A 98 -1.04 -15.20 9.53
N GLY A 99 -2.31 -15.36 9.91
CA GLY A 99 -2.67 -15.30 11.31
C GLY A 99 -2.69 -13.91 11.90
N PHE A 100 -2.37 -12.89 11.11
CA PHE A 100 -2.43 -11.52 11.59
C PHE A 100 -3.87 -11.13 11.88
N GLN A 101 -4.06 -10.32 12.92
CA GLN A 101 -5.39 -9.85 13.31
C GLN A 101 -5.44 -8.34 13.25
N CYS A 102 -6.56 -7.82 12.77
CA CYS A 102 -6.78 -6.39 12.69
C CYS A 102 -8.29 -6.15 12.62
N ALA A 103 -8.68 -4.91 12.36
CA ALA A 103 -10.07 -4.58 12.25
C ALA A 103 -10.48 -4.46 10.81
N VAL A 104 -11.77 -4.54 10.53
CA VAL A 104 -12.32 -4.33 9.18
C VAL A 104 -13.61 -3.54 9.32
N LYS A 105 -13.77 -2.51 8.48
CA LYS A 105 -14.96 -1.69 8.46
C LYS A 105 -15.71 -1.99 7.20
N LYS A 106 -17.07 -2.33 7.40
CA LYS A 106 -17.88 -2.58 6.26
C LYS A 106 -18.54 -1.34 5.78
N VAL A 107 -18.22 -0.97 4.47
CA VAL A 107 -18.91 0.17 3.87
C VAL A 107 -19.69 -0.35 2.69
N ARG A 108 -20.96 0.02 2.61
CA ARG A 108 -21.76 -0.31 1.43
C ARG A 108 -21.14 0.35 0.21
N LEU A 109 -20.97 -0.41 -0.86
CA LEU A 109 -20.24 0.08 -2.03
C LEU A 109 -20.93 1.27 -2.67
N GLU A 110 -22.27 1.25 -2.72
CA GLU A 110 -22.98 2.31 -3.43
C GLU A 110 -22.88 3.66 -2.72
N VAL A 111 -22.47 3.69 -1.46
CA VAL A 111 -22.35 4.92 -0.69
C VAL A 111 -20.92 5.18 -0.24
N PHE A 112 -19.95 4.43 -0.76
CA PHE A 112 -18.55 4.59 -0.39
C PHE A 112 -18.03 5.96 -0.82
N ARG A 113 -17.17 6.55 0.01
CA ARG A 113 -16.56 7.83 -0.29
C ARG A 113 -15.04 7.67 -0.28
N VAL A 114 -14.42 8.10 -1.38
CA VAL A 114 -12.98 7.95 -1.55
C VAL A 114 -12.22 8.71 -0.48
N GLU A 115 -12.76 9.85 -0.05
CA GLU A 115 -12.07 10.69 0.91
C GLU A 115 -11.75 9.93 2.19
N GLU A 116 -12.55 8.94 2.55
CA GLU A 116 -12.27 8.16 3.74
C GLU A 116 -10.89 7.58 3.72
N LEU A 117 -10.50 7.04 2.59
CA LEU A 117 -9.21 6.39 2.49
C LEU A 117 -8.14 7.42 2.22
N VAL A 118 -8.34 8.38 1.32
CA VAL A 118 -7.38 9.46 1.06
C VAL A 118 -6.97 10.14 2.35
N ALA A 119 -7.92 10.33 3.26
CA ALA A 119 -7.66 11.05 4.51
C ALA A 119 -6.89 10.22 5.53
N CYS A 120 -6.60 8.96 5.23
CA CYS A 120 -5.72 8.11 6.07
C CYS A 120 -4.70 7.31 5.23
N ALA A 121 -4.65 7.47 3.89
CA ALA A 121 -3.80 6.65 3.04
C ALA A 121 -2.50 7.41 2.77
N GLY A 122 -1.37 6.82 3.16
CA GLY A 122 -0.08 7.47 3.11
C GLY A 122 0.18 8.31 4.33
N LEU A 123 -0.85 8.81 4.97
CA LEU A 123 -0.70 9.52 6.24
C LEU A 123 -0.01 8.60 7.25
N SER A 124 1.01 9.11 7.92
CA SER A 124 1.78 8.36 8.91
C SER A 124 1.90 9.23 10.16
N SER A 125 0.99 9.03 11.11
CA SER A 125 0.91 9.83 12.32
C SER A 125 0.43 8.98 13.49
N PRO A 126 1.05 9.08 14.66
CA PRO A 126 0.59 8.29 15.81
C PRO A 126 -0.77 8.71 16.33
N ARG A 127 -1.31 9.81 15.92
CA ARG A 127 -2.59 10.28 16.39
C ARG A 127 -3.68 9.95 15.41
N ILE A 128 -3.37 9.14 14.40
CA ILE A 128 -4.36 8.71 13.40
C ILE A 128 -4.22 7.21 13.18
N VAL A 129 -5.34 6.47 13.19
CA VAL A 129 -5.32 5.01 13.11
C VAL A 129 -4.81 4.60 11.75
N PRO A 130 -3.92 3.61 11.69
CA PRO A 130 -3.39 3.30 10.36
C PRO A 130 -4.32 2.53 9.43
N LEU A 131 -4.18 2.74 8.12
CA LEU A 131 -4.99 2.03 7.12
C LEU A 131 -4.14 0.87 6.67
N TYR A 132 -4.69 -0.34 6.71
CA TYR A 132 -3.97 -1.53 6.26
C TYR A 132 -4.35 -1.95 4.84
N GLY A 133 -5.46 -1.48 4.32
CA GLY A 133 -5.86 -1.82 2.96
C GLY A 133 -7.34 -1.63 2.76
N ALA A 134 -7.78 -1.90 1.53
CA ALA A 134 -9.19 -1.83 1.18
C ALA A 134 -9.44 -2.79 0.03
N VAL A 135 -10.50 -3.58 0.13
CA VAL A 135 -10.81 -4.60 -0.88
C VAL A 135 -12.31 -4.62 -1.11
N ARG A 136 -12.72 -4.37 -2.35
CA ARG A 136 -14.12 -4.51 -2.75
C ARG A 136 -14.46 -5.97 -2.97
N GLU A 137 -15.65 -6.37 -2.52
CA GLU A 137 -16.15 -7.74 -2.74
C GLU A 137 -17.67 -7.63 -2.85
N GLY A 138 -18.17 -7.61 -4.08
CA GLY A 138 -19.59 -7.50 -4.33
C GLY A 138 -20.12 -6.13 -3.95
N PRO A 139 -21.15 -6.10 -3.09
CA PRO A 139 -21.72 -4.82 -2.66
C PRO A 139 -20.96 -4.15 -1.53
N TRP A 140 -19.83 -4.71 -1.10
CA TRP A 140 -19.10 -4.24 0.06
C TRP A 140 -17.74 -3.68 -0.33
N VAL A 141 -17.35 -2.60 0.33
CA VAL A 141 -15.95 -2.21 0.44
C VAL A 141 -15.51 -2.56 1.85
N ASN A 142 -14.59 -3.51 2.02
CA ASN A 142 -14.17 -3.95 3.33
C ASN A 142 -12.87 -3.24 3.55
N ILE A 143 -12.78 -2.34 4.54
CA ILE A 143 -11.59 -1.52 4.75
C ILE A 143 -10.85 -2.00 5.98
N PHE A 144 -9.59 -2.36 5.86
CA PHE A 144 -8.83 -2.91 6.95
C PHE A 144 -8.05 -1.84 7.68
N MET A 145 -7.76 -2.04 8.96
CA MET A 145 -7.11 -1.05 9.79
C MET A 145 -6.68 -1.70 11.07
N GLU A 146 -5.71 -1.13 11.77
CA GLU A 146 -5.27 -1.67 13.05
C GLU A 146 -6.35 -1.88 14.07
N LEU A 147 -6.22 -2.92 14.90
CA LEU A 147 -7.17 -3.15 15.99
C LEU A 147 -6.60 -2.49 17.22
N LEU A 148 -7.39 -1.65 17.89
CA LEU A 148 -6.99 -0.98 19.12
C LEU A 148 -7.79 -1.64 20.24
N GLU A 149 -7.15 -2.12 21.31
CA GLU A 149 -7.81 -2.88 22.35
C GLU A 149 -8.46 -2.01 23.41
N GLY A 150 -7.97 -0.79 23.60
CA GLY A 150 -8.50 0.10 24.62
C GLY A 150 -9.92 0.56 24.38
N GLY A 151 -10.42 0.41 23.15
CA GLY A 151 -11.78 0.78 22.87
C GLY A 151 -11.85 2.24 22.62
N SER A 152 -13.04 2.75 22.40
CA SER A 152 -13.18 4.14 22.08
C SER A 152 -13.29 5.03 23.27
N LEU A 153 -12.86 6.29 23.16
CA LEU A 153 -13.14 7.28 24.19
C LEU A 153 -14.61 7.26 24.56
N GLY A 154 -15.48 7.02 23.59
CA GLY A 154 -16.89 6.92 23.91
C GLY A 154 -17.18 5.79 24.88
N GLN A 155 -16.64 4.61 24.63
CA GLN A 155 -16.84 3.51 25.54
C GLN A 155 -16.25 3.87 26.89
N LEU A 156 -15.13 4.58 26.92
CA LEU A 156 -14.52 4.96 28.18
C LEU A 156 -15.44 5.87 28.99
N ILE A 157 -16.04 6.87 28.33
CA ILE A 157 -16.89 7.82 29.06
C ILE A 157 -18.05 7.09 29.71
N LYS A 158 -18.61 6.10 29.00
CA LYS A 158 -19.71 5.33 29.58
C LYS A 158 -19.24 4.49 30.75
N GLN A 159 -18.07 3.87 30.63
CA GLN A 159 -17.52 3.05 31.71
C GLN A 159 -17.26 3.90 32.95
N MET A 160 -16.54 5.02 32.78
CA MET A 160 -16.17 5.86 33.92
C MET A 160 -17.26 6.84 34.33
N GLY A 161 -18.28 7.05 33.51
CA GLY A 161 -19.28 8.06 33.80
C GLY A 161 -18.87 9.41 33.26
N CYS A 162 -17.73 9.92 33.72
CA CYS A 162 -17.10 11.07 33.10
C CYS A 162 -15.65 11.14 33.56
N LEU A 163 -14.84 11.89 32.81
CA LEU A 163 -13.41 11.85 33.07
C LEU A 163 -12.98 13.04 33.92
N PRO A 164 -11.93 12.86 34.72
CA PRO A 164 -11.34 14.00 35.43
C PRO A 164 -10.75 15.01 34.46
N GLU A 165 -10.46 16.19 35.00
CA GLU A 165 -10.09 17.33 34.16
C GLU A 165 -8.78 17.08 33.42
N ASP A 166 -7.81 16.44 34.09
CA ASP A 166 -6.50 16.22 33.46
C ASP A 166 -6.60 15.20 32.32
N ARG A 167 -7.27 14.08 32.59
CA ARG A 167 -7.44 13.07 31.54
C ARG A 167 -8.13 13.68 30.33
N ALA A 168 -9.19 14.45 30.56
CA ALA A 168 -9.92 15.07 29.45
C ALA A 168 -9.01 15.98 28.65
N LEU A 169 -8.24 16.84 29.33
CA LEU A 169 -7.30 17.71 28.62
C LEU A 169 -6.27 16.88 27.86
N TYR A 170 -5.75 15.84 28.51
CA TYR A 170 -4.77 14.97 27.88
C TYR A 170 -5.28 14.45 26.54
N TYR A 171 -6.47 13.84 26.55
CA TYR A 171 -7.02 13.28 25.32
C TYR A 171 -7.36 14.38 24.32
N LEU A 172 -8.00 15.46 24.78
CA LEU A 172 -8.36 16.53 23.86
C LEU A 172 -7.14 17.04 23.10
N GLY A 173 -6.02 17.19 23.79
CA GLY A 173 -4.82 17.65 23.11
C GLY A 173 -4.35 16.69 22.04
N GLN A 174 -4.39 15.40 22.35
CA GLN A 174 -3.95 14.41 21.37
C GLN A 174 -4.84 14.40 20.15
N ALA A 175 -6.16 14.51 20.36
CA ALA A 175 -7.05 14.68 19.22
C ALA A 175 -6.67 15.92 18.42
N LEU A 176 -6.36 17.02 19.11
CA LEU A 176 -5.95 18.24 18.42
C LEU A 176 -4.64 18.04 17.69
N GLU A 177 -3.74 17.22 18.23
CA GLU A 177 -2.53 16.90 17.49
C GLU A 177 -2.85 16.23 16.16
N GLY A 178 -3.80 15.29 16.18
CA GLY A 178 -4.22 14.66 14.93
C GLY A 178 -4.93 15.61 13.99
N LEU A 179 -5.75 16.51 14.54
CA LEU A 179 -6.41 17.51 13.69
C LEU A 179 -5.41 18.48 13.07
N GLU A 180 -4.32 18.80 13.77
CA GLU A 180 -3.25 19.57 13.15
C GLU A 180 -2.73 18.87 11.90
N TYR A 181 -2.38 17.58 12.06
CA TYR A 181 -1.87 16.78 10.95
C TYR A 181 -2.83 16.79 9.77
N LEU A 182 -4.11 16.50 10.02
CA LEU A 182 -5.08 16.49 8.94
C LEU A 182 -5.23 17.86 8.31
N HIS A 183 -5.31 18.90 9.12
CA HIS A 183 -5.55 20.24 8.60
C HIS A 183 -4.38 20.74 7.76
N THR A 184 -3.16 20.41 8.14
CA THR A 184 -2.04 20.82 7.34
C THR A 184 -2.19 20.27 5.95
N ARG A 185 -2.84 19.13 5.82
CA ARG A 185 -2.97 18.46 4.54
C ARG A 185 -4.27 18.77 3.92
N ARG A 186 -4.93 19.78 4.42
CA ARG A 186 -6.17 20.23 3.85
C ARG A 186 -7.23 19.20 3.98
N ILE A 187 -7.31 18.55 5.14
CA ILE A 187 -8.30 17.49 5.31
C ILE A 187 -9.16 17.82 6.51
N LEU A 188 -10.45 17.96 6.26
CA LEU A 188 -11.44 18.05 7.33
C LEU A 188 -11.80 16.64 7.79
N HIS A 189 -11.85 16.42 9.10
CA HIS A 189 -12.29 15.12 9.59
C HIS A 189 -13.81 14.97 9.44
N GLY A 190 -14.56 15.96 9.92
CA GLY A 190 -15.98 16.03 9.65
C GLY A 190 -16.88 15.58 10.77
N ASP A 191 -16.52 14.49 11.46
CA ASP A 191 -17.29 14.00 12.59
C ASP A 191 -16.32 13.67 13.72
N VAL A 192 -15.92 14.69 14.47
CA VAL A 192 -15.05 14.51 15.62
C VAL A 192 -15.92 14.31 16.85
N LYS A 193 -15.63 13.25 17.61
CA LYS A 193 -16.41 12.92 18.80
C LYS A 193 -15.72 11.78 19.54
N ALA A 194 -16.22 11.52 20.74
CA ALA A 194 -15.61 10.49 21.59
C ALA A 194 -15.57 9.14 20.90
N ASP A 195 -16.64 8.78 20.18
CA ASP A 195 -16.71 7.48 19.53
C ASP A 195 -15.66 7.32 18.44
N ASN A 196 -15.12 8.42 17.91
CA ASN A 196 -14.14 8.38 16.84
C ASN A 196 -12.72 8.62 17.34
N VAL A 197 -12.49 8.50 18.64
CA VAL A 197 -11.15 8.54 19.20
C VAL A 197 -10.91 7.18 19.85
N LEU A 198 -9.95 6.42 19.30
CA LEU A 198 -9.65 5.10 19.77
C LEU A 198 -8.43 5.13 20.64
N LEU A 199 -8.38 4.37 21.72
CA LEU A 199 -7.35 4.42 22.75
C LEU A 199 -6.51 3.15 22.72
N SER A 200 -5.27 3.26 23.16
CA SER A 200 -4.39 2.10 23.29
C SER A 200 -4.78 1.28 24.51
N SER A 201 -4.18 0.08 24.61
CA SER A 201 -4.57 -0.87 25.64
C SER A 201 -4.26 -0.37 27.05
N ASP A 202 -3.40 0.63 27.19
CA ASP A 202 -3.10 1.22 28.49
C ASP A 202 -3.68 2.63 28.64
N GLY A 203 -4.26 3.20 27.58
CA GLY A 203 -4.94 4.46 27.66
C GLY A 203 -4.10 5.69 27.46
N SER A 204 -2.81 5.53 27.20
CA SER A 204 -1.91 6.67 27.08
C SER A 204 -1.80 7.22 25.67
N ARG A 205 -2.46 6.65 24.72
CA ARG A 205 -2.41 7.14 23.38
C ARG A 205 -3.77 7.13 22.76
N ALA A 206 -4.12 8.12 22.00
CA ALA A 206 -5.41 8.28 21.37
C ALA A 206 -5.21 8.55 19.89
N ALA A 207 -6.12 8.02 19.08
CA ALA A 207 -6.03 8.18 17.63
C ALA A 207 -7.41 8.47 17.07
N LEU A 208 -7.46 9.17 15.96
CA LEU A 208 -8.71 9.51 15.37
C LEU A 208 -9.13 8.41 14.41
N CYS A 209 -10.42 8.23 14.21
CA CYS A 209 -10.93 7.15 13.38
C CYS A 209 -12.21 7.63 12.79
N ASP A 210 -12.78 6.91 11.87
CA ASP A 210 -14.03 7.31 11.19
C ASP A 210 -13.90 8.55 10.34
N PHE A 211 -13.28 8.41 9.19
CA PHE A 211 -13.04 9.48 8.21
C PHE A 211 -14.09 9.41 7.14
N GLY A 212 -15.20 8.79 7.43
CA GLY A 212 -16.28 8.66 6.49
C GLY A 212 -16.90 9.95 6.08
N HIS A 213 -16.73 10.99 6.88
CA HIS A 213 -17.26 12.30 6.56
C HIS A 213 -16.14 13.25 6.18
N ALA A 214 -14.94 12.75 5.94
CA ALA A 214 -13.81 13.62 5.64
C ALA A 214 -13.99 14.33 4.30
N LEU A 215 -13.32 15.46 4.14
CA LEU A 215 -13.52 16.26 2.97
C LEU A 215 -12.25 16.99 2.62
N CYS A 216 -11.77 16.81 1.39
CA CYS A 216 -10.57 17.49 0.95
C CYS A 216 -10.93 18.91 0.77
N LEU A 217 -10.01 19.81 1.06
CA LEU A 217 -10.30 21.23 1.02
C LEU A 217 -9.35 21.94 0.08
N GLN A 218 -9.66 23.17 -0.30
CA GLN A 218 -8.76 23.97 -1.10
C GLN A 218 -8.71 25.25 -0.30
N PRO A 219 -7.55 25.92 -0.26
CA PRO A 219 -7.54 27.09 0.61
C PRO A 219 -8.51 28.15 0.15
N SER A 225 -18.39 25.50 2.33
CA SER A 225 -19.66 25.02 2.86
C SER A 225 -19.79 23.50 2.66
N LEU A 226 -20.92 22.92 3.14
CA LEU A 226 -21.04 21.48 3.09
C LEU A 226 -22.37 20.95 2.55
N LEU A 227 -23.46 21.68 2.73
CA LEU A 227 -24.79 21.11 2.56
C LEU A 227 -25.21 21.20 1.09
N THR A 228 -24.62 20.31 0.28
CA THR A 228 -24.92 20.24 -1.16
C THR A 228 -24.89 18.78 -1.61
N GLY A 229 -26.07 18.16 -1.68
CA GLY A 229 -26.23 16.91 -2.40
C GLY A 229 -25.64 15.67 -1.76
N ASP A 230 -24.66 15.08 -2.42
CA ASP A 230 -24.10 13.80 -1.98
C ASP A 230 -23.25 14.02 -0.74
N TYR A 231 -23.90 14.40 0.36
CA TYR A 231 -23.19 14.66 1.61
C TYR A 231 -23.95 14.03 2.78
N ILE A 232 -23.21 13.39 3.66
CA ILE A 232 -23.71 12.86 4.92
C ILE A 232 -22.98 13.60 6.04
N PRO A 233 -23.68 14.33 6.91
CA PRO A 233 -22.98 15.13 7.93
C PRO A 233 -22.73 14.38 9.23
N GLY A 234 -22.05 15.04 10.16
CA GLY A 234 -21.66 14.42 11.41
C GLY A 234 -22.74 14.46 12.47
N THR A 235 -22.33 14.24 13.71
CA THR A 235 -23.27 14.16 14.82
C THR A 235 -23.92 15.50 15.10
N GLU A 236 -25.21 15.46 15.44
CA GLU A 236 -25.97 16.68 15.68
C GLU A 236 -25.40 17.48 16.85
N THR A 237 -25.16 16.81 17.97
CA THR A 237 -24.79 17.53 19.19
C THR A 237 -23.43 18.22 19.06
N HIS A 238 -22.52 17.65 18.27
CA HIS A 238 -21.18 18.18 18.09
C HIS A 238 -21.06 19.10 16.87
N MET A 239 -22.18 19.50 16.29
CA MET A 239 -22.18 20.19 14.99
C MET A 239 -22.08 21.69 15.19
N ALA A 240 -21.24 22.34 14.34
CA ALA A 240 -20.91 23.74 14.46
C ALA A 240 -21.97 24.63 13.80
N PRO A 241 -22.11 25.86 14.28
CA PRO A 241 -23.20 26.65 13.73
C PRO A 241 -23.13 26.90 12.25
N GLU A 242 -21.95 27.05 11.70
CA GLU A 242 -21.88 27.33 10.31
C GLU A 242 -22.47 26.19 9.56
N VAL A 243 -22.20 24.98 10.01
CA VAL A 243 -22.70 23.83 9.33
C VAL A 243 -24.19 23.87 9.42
N VAL A 244 -24.74 24.17 10.58
CA VAL A 244 -26.18 24.13 10.77
C VAL A 244 -26.89 25.10 9.89
N MET A 245 -26.36 26.30 9.74
CA MET A 245 -27.06 27.34 9.00
C MET A 245 -26.61 27.46 7.59
N GLY A 246 -25.82 26.52 7.14
CA GLY A 246 -25.43 26.50 5.75
C GLY A 246 -24.44 27.53 5.33
N LYS A 247 -23.63 27.99 6.26
CA LYS A 247 -22.66 29.02 5.98
C LYS A 247 -21.42 28.30 5.45
N PRO A 248 -20.39 29.02 4.97
CA PRO A 248 -19.25 28.29 4.44
C PRO A 248 -18.40 27.76 5.58
N CYS A 249 -17.72 26.65 5.29
CA CYS A 249 -17.10 25.85 6.34
C CYS A 249 -15.66 25.55 5.99
N ASP A 250 -14.83 25.47 7.03
CA ASP A 250 -13.42 25.15 6.88
C ASP A 250 -12.99 24.36 8.10
N ALA A 251 -11.67 24.15 8.23
CA ALA A 251 -11.13 23.26 9.24
C ALA A 251 -11.66 23.56 10.64
N LYS A 252 -12.19 24.76 10.87
CA LYS A 252 -12.58 25.15 12.21
C LYS A 252 -13.73 24.32 12.76
N VAL A 253 -14.51 23.64 11.92
CA VAL A 253 -15.64 22.89 12.45
C VAL A 253 -15.16 21.71 13.29
N ASP A 254 -14.00 21.15 12.95
CA ASP A 254 -13.43 20.10 13.78
C ASP A 254 -13.13 20.64 15.18
N ILE A 255 -12.73 21.90 15.27
CA ILE A 255 -12.40 22.47 16.57
C ILE A 255 -13.65 22.60 17.43
N TRP A 256 -14.73 23.12 16.85
CA TRP A 256 -16.00 23.18 17.57
C TRP A 256 -16.39 21.79 18.08
N SER A 257 -16.34 20.80 17.20
CA SER A 257 -16.69 19.44 17.60
C SER A 257 -15.79 18.96 18.72
N SER A 258 -14.48 19.19 18.58
CA SER A 258 -13.55 18.71 19.59
C SER A 258 -13.87 19.32 20.96
N CYS A 259 -14.38 20.55 20.97
CA CYS A 259 -14.77 21.15 22.24
C CYS A 259 -16.06 20.55 22.76
N CYS A 260 -17.05 20.34 21.88
CA CYS A 260 -18.24 19.60 22.28
C CYS A 260 -17.85 18.22 22.82
N MET A 261 -16.79 17.63 22.26
CA MET A 261 -16.27 16.37 22.80
C MET A 261 -15.66 16.57 24.18
N MET A 262 -14.96 17.69 24.38
CA MET A 262 -14.39 17.97 25.69
C MET A 262 -15.49 18.04 26.75
N LEU A 263 -16.56 18.72 26.42
CA LEU A 263 -17.66 18.83 27.34
C LEU A 263 -18.23 17.46 27.59
N HIS A 264 -18.45 16.66 26.56
CA HIS A 264 -18.91 15.29 26.74
C HIS A 264 -18.00 14.53 27.69
N MET A 265 -16.68 14.77 27.61
CA MET A 265 -15.76 14.11 28.52
C MET A 265 -15.96 14.56 29.96
N LEU A 266 -16.18 15.85 30.16
CA LEU A 266 -16.26 16.37 31.49
C LEU A 266 -17.59 16.12 32.14
N ASN A 267 -18.67 16.21 31.39
CA ASN A 267 -20.02 16.10 31.94
C ASN A 267 -20.69 14.75 31.75
N GLY A 268 -20.06 13.80 31.09
CA GLY A 268 -20.64 12.48 30.91
C GLY A 268 -21.87 12.44 30.03
N CYS A 269 -22.15 13.51 29.29
CA CYS A 269 -23.25 13.54 28.33
C CYS A 269 -22.95 14.59 27.28
N HIS A 270 -23.66 14.47 26.15
CA HIS A 270 -23.40 15.37 25.03
C HIS A 270 -23.87 16.78 25.36
N PRO A 271 -23.29 17.80 24.72
CA PRO A 271 -23.83 19.15 24.87
C PRO A 271 -25.27 19.25 24.38
N TRP A 272 -26.04 20.10 25.06
CA TRP A 272 -27.41 20.43 24.72
C TRP A 272 -28.45 19.36 25.03
N THR A 273 -28.04 18.14 25.38
CA THR A 273 -29.05 17.08 25.49
C THR A 273 -29.85 17.17 26.78
N GLN A 274 -29.27 17.74 27.83
CA GLN A 274 -29.96 17.86 29.10
C GLN A 274 -30.93 19.04 29.14
N TYR A 275 -31.10 19.75 28.01
CA TYR A 275 -31.87 20.99 27.99
C TYR A 275 -32.82 21.15 26.83
N PHE A 276 -32.66 20.42 25.73
CA PHE A 276 -33.52 20.60 24.57
C PHE A 276 -33.74 19.27 23.82
N PRO A 279 -34.90 18.17 18.43
CA PRO A 279 -34.91 19.39 17.60
C PRO A 279 -33.68 20.26 17.84
N LEU A 280 -32.51 19.63 17.87
CA LEU A 280 -31.34 20.27 18.46
C LEU A 280 -30.64 21.24 17.51
N CYS A 281 -30.78 21.07 16.20
CA CYS A 281 -30.12 22.00 15.28
C CYS A 281 -30.70 23.40 15.36
N LEU A 282 -31.96 23.54 15.79
CA LEU A 282 -32.53 24.87 15.96
C LEU A 282 -31.75 25.67 17.00
N LYS A 283 -31.45 25.04 18.14
CA LYS A 283 -30.88 25.76 19.26
C LYS A 283 -29.40 26.09 19.07
N ILE A 284 -28.67 25.28 18.31
CA ILE A 284 -27.26 25.59 18.07
C ILE A 284 -27.14 26.94 17.38
N ALA A 285 -28.00 27.20 16.42
CA ALA A 285 -27.86 28.42 15.63
C ALA A 285 -28.28 29.66 16.33
N SER A 286 -29.35 29.57 17.10
CA SER A 286 -29.92 30.75 17.72
C SER A 286 -29.32 31.07 19.07
N GLU A 287 -29.03 30.06 19.85
CA GLU A 287 -28.55 30.25 21.24
C GLU A 287 -27.07 30.59 21.21
N PRO A 288 -26.55 31.06 22.35
CA PRO A 288 -25.10 31.25 22.47
C PRO A 288 -24.43 29.88 22.52
N PRO A 289 -23.13 29.83 22.30
CA PRO A 289 -22.43 28.55 22.42
C PRO A 289 -22.59 28.01 23.82
N PRO A 290 -22.46 26.69 23.96
CA PRO A 290 -22.75 26.07 25.25
C PRO A 290 -21.69 26.22 26.32
N ILE A 291 -21.19 27.42 26.52
CA ILE A 291 -20.10 27.63 27.47
C ILE A 291 -20.58 27.45 28.88
N ARG A 292 -21.87 27.56 29.09
CA ARG A 292 -22.45 27.38 30.41
C ARG A 292 -22.25 26.02 30.92
N GLU A 293 -22.12 25.07 30.04
CA GLU A 293 -22.00 23.71 30.44
C GLU A 293 -20.59 23.43 30.91
N ILE A 294 -19.68 24.39 30.74
CA ILE A 294 -18.32 24.17 31.15
C ILE A 294 -18.43 23.98 32.63
N PRO A 295 -17.83 22.93 33.15
CA PRO A 295 -18.05 22.74 34.59
C PRO A 295 -17.38 23.82 35.42
N PRO A 296 -17.97 24.19 36.56
CA PRO A 296 -17.39 25.31 37.30
C PRO A 296 -16.10 25.00 38.06
N SER A 297 -15.90 23.78 38.52
CA SER A 297 -14.68 23.37 39.20
C SER A 297 -13.48 23.31 38.27
N CYS A 298 -13.66 23.46 36.97
CA CYS A 298 -12.55 23.47 36.07
C CYS A 298 -11.68 24.67 36.27
N ALA A 299 -10.38 24.53 36.14
CA ALA A 299 -9.44 25.62 36.30
C ALA A 299 -9.64 26.66 35.22
N PRO A 300 -9.20 27.91 35.46
CA PRO A 300 -9.57 28.98 34.52
C PRO A 300 -9.15 28.73 33.09
N LEU A 301 -7.98 28.12 32.86
CA LEU A 301 -7.48 27.94 31.48
C LEU A 301 -8.19 26.84 30.77
N THR A 302 -8.63 25.79 31.45
CA THR A 302 -9.44 24.81 30.83
C THR A 302 -10.66 25.47 30.26
N ALA A 303 -11.38 26.20 31.08
CA ALA A 303 -12.62 26.82 30.64
C ALA A 303 -12.37 27.84 29.61
N GLN A 304 -11.32 28.58 29.80
CA GLN A 304 -10.98 29.57 28.78
C GLN A 304 -10.67 28.92 27.44
N ALA A 305 -9.93 27.81 27.46
CA ALA A 305 -9.60 27.11 26.21
C ALA A 305 -10.85 26.63 25.51
N ILE A 306 -11.74 25.97 26.24
CA ILE A 306 -12.95 25.47 25.66
C ILE A 306 -13.67 26.60 24.97
N GLN A 307 -13.67 27.77 25.56
CA GLN A 307 -14.40 28.88 25.00
C GLN A 307 -13.85 29.40 23.72
N GLU A 308 -12.54 29.44 23.58
CA GLU A 308 -11.97 29.89 22.32
C GLU A 308 -12.30 28.91 21.19
N GLY A 309 -12.51 27.63 21.52
CA GLY A 309 -12.93 26.67 20.53
C GLY A 309 -14.41 26.63 20.27
N LEU A 310 -15.21 27.33 21.08
CA LEU A 310 -16.65 27.40 20.87
C LEU A 310 -17.10 28.78 20.45
N ARG A 311 -16.26 29.51 19.73
CA ARG A 311 -16.66 30.79 19.15
C ARG A 311 -17.53 30.53 17.93
N LYS A 312 -18.72 31.14 17.90
CA LYS A 312 -19.68 30.82 16.85
C LYS A 312 -19.12 31.18 15.47
N GLU A 313 -18.41 32.29 15.36
CA GLU A 313 -17.82 32.69 14.09
C GLU A 313 -16.52 31.92 13.86
N PRO A 314 -16.37 31.24 12.72
CA PRO A 314 -15.09 30.54 12.46
C PRO A 314 -13.88 31.42 12.61
N VAL A 315 -13.99 32.71 12.27
CA VAL A 315 -12.82 33.59 12.28
C VAL A 315 -12.28 33.72 13.70
N HIS A 316 -13.16 33.94 14.69
CA HIS A 316 -12.70 34.11 16.06
C HIS A 316 -12.40 32.78 16.76
N ARG A 317 -12.81 31.66 16.20
CA ARG A 317 -12.60 30.37 16.84
C ARG A 317 -11.15 29.94 16.68
N ALA A 318 -10.63 29.27 17.71
CA ALA A 318 -9.22 28.91 17.73
C ALA A 318 -8.92 27.83 16.69
N SER A 319 -7.72 27.92 16.12
CA SER A 319 -7.26 26.91 15.19
C SER A 319 -6.89 25.63 15.94
N ALA A 320 -6.41 24.61 15.27
CA ALA A 320 -5.96 23.43 15.97
C ALA A 320 -4.72 23.67 16.71
N MET A 321 -3.77 24.34 16.08
CA MET A 321 -2.49 24.52 16.70
C MET A 321 -2.64 25.35 17.92
N GLU A 322 -3.44 26.37 17.80
CA GLU A 322 -3.62 27.27 18.90
C GLU A 322 -4.24 26.64 20.11
N LEU A 323 -5.29 25.88 19.91
CA LEU A 323 -5.98 25.23 21.00
C LEU A 323 -5.14 24.17 21.63
N ARG A 324 -4.39 23.46 20.84
CA ARG A 324 -3.61 22.37 21.37
C ARG A 324 -2.62 22.94 22.31
N ARG A 325 -2.04 24.08 22.00
CA ARG A 325 -1.05 24.69 22.87
C ARG A 325 -1.71 25.14 24.17
N LYS A 326 -2.90 25.70 24.06
CA LYS A 326 -3.65 26.16 25.24
C LYS A 326 -4.04 25.02 26.13
N VAL A 327 -4.44 23.91 25.55
CA VAL A 327 -4.92 22.76 26.31
C VAL A 327 -3.74 22.13 27.00
N GLY A 328 -2.59 22.17 26.36
CA GLY A 328 -1.40 21.64 26.96
C GLY A 328 -1.01 22.42 28.17
N LYS A 329 -1.09 23.75 28.07
CA LYS A 329 -0.77 24.58 29.21
C LYS A 329 -1.78 24.36 30.30
N ALA A 330 -3.05 24.27 29.95
CA ALA A 330 -4.08 24.00 30.94
C ALA A 330 -3.80 22.75 31.71
N LEU A 331 -3.31 21.73 31.04
CA LEU A 331 -2.96 20.50 31.71
C LEU A 331 -1.83 20.77 32.65
N GLN A 332 -0.82 21.47 32.20
CA GLN A 332 0.31 21.82 33.05
C GLN A 332 -0.15 22.62 34.27
N GLU A 333 -1.11 23.51 34.08
CA GLU A 333 -1.61 24.34 35.17
C GLU A 333 -2.28 23.50 36.22
N VAL A 334 -2.88 22.37 35.83
CA VAL A 334 -3.56 21.47 36.76
C VAL A 334 -2.67 20.31 37.24
N GLY A 335 -1.33 20.42 37.12
CA GLY A 335 -0.42 19.41 37.63
C GLY A 335 -0.07 18.29 36.69
N GLY A 336 -0.48 18.37 35.43
CA GLY A 336 -0.20 17.31 34.49
C GLY A 336 -1.16 16.15 34.62
N LEU A 337 -0.84 15.07 33.91
CA LEU A 337 -1.67 13.87 33.91
C LEU A 337 -1.34 13.05 35.16
N LYS A 338 -2.30 12.97 36.08
CA LYS A 338 -2.15 12.27 37.34
C LYS A 338 -3.20 11.19 37.56
N SER A 339 -4.43 11.43 37.12
CA SER A 339 -5.50 10.48 37.34
C SER A 339 -5.18 9.17 36.64
N PRO A 340 -5.55 8.03 37.23
CA PRO A 340 -5.29 6.76 36.55
C PRO A 340 -6.22 6.62 35.35
N TRP A 341 -5.81 5.79 34.40
CA TRP A 341 -6.62 5.60 33.21
C TRP A 341 -8.03 5.17 33.58
N LYS A 342 -8.17 4.21 34.49
CA LYS A 342 -9.47 3.74 34.95
C LYS A 342 -9.51 3.81 36.48
N GLY A 343 -9.87 4.99 37.00
CA GLY A 343 -10.04 5.17 38.43
C GLY A 343 -11.41 4.77 38.92
N GLU A 344 -12.04 5.60 39.75
CA GLU A 344 -13.39 5.33 40.23
C GLU A 344 -14.42 5.86 39.24
N TYR A 345 -15.59 5.24 39.24
CA TYR A 345 -16.72 5.77 38.49
C TYR A 345 -17.10 7.12 39.09
N LYS A 346 -17.54 8.04 38.22
CA LYS A 346 -17.86 9.41 38.60
C LYS A 346 -19.18 9.80 37.97
N GLU A 347 -20.19 10.05 38.80
CA GLU A 347 -21.56 10.24 38.30
C GLU A 347 -21.63 11.48 37.41
N PRO A 348 -22.29 11.38 36.25
CA PRO A 348 -22.38 12.54 35.35
C PRO A 348 -23.23 13.66 35.93
N ARG A 349 -23.21 14.79 35.21
CA ARG A 349 -24.13 15.89 35.46
C ARG A 349 -25.46 15.58 34.77
N PRO B 8 5.96 -22.01 -42.99
CA PRO B 8 5.06 -22.85 -43.79
C PRO B 8 4.59 -24.07 -43.01
N VAL B 9 5.55 -24.88 -42.57
CA VAL B 9 5.26 -26.00 -41.67
C VAL B 9 4.93 -25.52 -40.27
N GLU B 10 5.14 -24.25 -39.95
CA GLU B 10 4.89 -23.75 -38.61
C GLU B 10 3.55 -24.14 -38.09
N GLU B 11 2.53 -24.03 -38.91
CA GLU B 11 1.20 -24.31 -38.47
C GLU B 11 1.14 -25.70 -38.03
N TYR B 12 1.74 -26.56 -38.79
CA TYR B 12 1.62 -27.95 -38.49
C TYR B 12 2.24 -28.24 -37.17
N LEU B 13 3.34 -27.59 -36.90
CA LEU B 13 4.04 -27.83 -35.67
C LEU B 13 3.23 -27.40 -34.46
N VAL B 14 2.58 -26.26 -34.56
CA VAL B 14 1.75 -25.78 -33.47
C VAL B 14 0.61 -26.72 -33.25
N HIS B 15 0.03 -27.19 -34.32
CA HIS B 15 -1.19 -28.10 -34.13
CA HIS B 15 -1.19 -28.09 -34.13
C HIS B 15 -0.79 -29.39 -33.32
N ALA B 16 0.41 -29.83 -33.60
CA ALA B 16 0.86 -31.04 -32.92
C ALA B 16 0.96 -30.83 -31.46
N LEU B 17 1.45 -29.69 -31.07
CA LEU B 17 1.61 -29.36 -29.67
C LEU B 17 0.30 -29.20 -28.96
N GLN B 18 -0.66 -28.65 -29.64
CA GLN B 18 -1.94 -28.39 -29.03
C GLN B 18 -2.71 -29.58 -28.57
N GLY B 19 -3.54 -29.42 -27.53
CA GLY B 19 -4.36 -30.49 -27.01
C GLY B 19 -3.70 -31.40 -26.01
N SER B 20 -2.39 -31.25 -25.78
CA SER B 20 -1.70 -32.15 -24.88
C SER B 20 -0.55 -31.42 -24.22
N VAL B 21 -0.08 -31.99 -23.11
CA VAL B 21 1.11 -31.53 -22.41
C VAL B 21 2.24 -32.50 -22.74
N SER B 22 3.31 -31.99 -23.34
CA SER B 22 4.40 -32.82 -23.80
C SER B 22 5.72 -32.32 -23.22
N SER B 23 6.66 -33.25 -23.06
CA SER B 23 8.04 -32.88 -22.77
C SER B 23 8.67 -32.31 -24.02
N GLY B 24 9.29 -31.15 -23.91
CA GLY B 24 9.79 -30.47 -25.07
C GLY B 24 10.87 -29.47 -24.77
N GLN B 25 11.13 -28.60 -25.75
CA GLN B 25 12.17 -27.59 -25.69
C GLN B 25 11.57 -26.21 -25.89
N ALA B 26 12.28 -25.19 -25.40
CA ALA B 26 11.76 -23.82 -25.42
C ALA B 26 11.13 -23.39 -26.69
N HIS B 27 11.63 -23.79 -27.84
CA HIS B 27 11.04 -23.29 -29.07
C HIS B 27 9.61 -23.82 -29.26
N SER B 28 9.36 -25.09 -28.88
CA SER B 28 8.01 -25.62 -28.95
C SER B 28 7.08 -24.86 -28.01
N LEU B 29 7.55 -24.61 -26.78
CA LEU B 29 6.75 -23.89 -25.79
C LEU B 29 6.39 -22.52 -26.27
N ALA B 30 7.34 -21.80 -26.87
CA ALA B 30 7.08 -20.45 -27.36
C ALA B 30 6.08 -20.46 -28.51
N SER B 31 6.17 -21.45 -29.40
CA SER B 31 5.23 -21.56 -30.50
C SER B 31 3.81 -21.77 -29.99
N LEU B 32 3.64 -22.70 -29.05
CA LEU B 32 2.33 -22.98 -28.48
C LEU B 32 1.78 -21.80 -27.70
N ALA B 33 2.64 -21.15 -26.91
CA ALA B 33 2.17 -20.09 -26.03
C ALA B 33 1.66 -18.89 -26.82
N LYS B 34 2.13 -18.70 -28.06
CA LYS B 34 1.60 -17.62 -28.87
C LYS B 34 0.10 -17.76 -29.08
N THR B 35 -0.42 -18.99 -29.02
CA THR B 35 -1.85 -19.23 -29.19
C THR B 35 -2.65 -18.87 -27.94
N TRP B 36 -2.00 -18.44 -26.86
CA TRP B 36 -2.69 -18.11 -25.61
C TRP B 36 -2.93 -16.60 -25.46
N SER B 37 -3.04 -15.88 -26.57
CA SER B 37 -3.23 -14.43 -26.53
C SER B 37 -4.20 -13.96 -27.61
N ASP B 52 -8.27 -27.75 -23.90
CA ASP B 52 -8.19 -27.46 -22.47
C ASP B 52 -6.76 -27.56 -21.96
N ASN B 53 -6.33 -28.77 -21.61
CA ASN B 53 -5.05 -28.97 -20.93
C ASN B 53 -3.95 -29.22 -21.96
N GLU B 54 -3.08 -28.22 -22.14
CA GLU B 54 -2.00 -28.28 -23.13
C GLU B 54 -0.81 -27.51 -22.61
N GLY B 55 0.38 -27.91 -23.03
CA GLY B 55 1.59 -27.19 -22.65
C GLY B 55 2.84 -27.97 -22.95
N VAL B 56 3.96 -27.34 -22.63
CA VAL B 56 5.28 -27.93 -22.83
C VAL B 56 6.07 -27.82 -21.53
N LEU B 57 6.68 -28.92 -21.11
CA LEU B 57 7.55 -28.95 -19.94
C LEU B 57 8.99 -29.10 -20.40
N LEU B 58 9.86 -28.17 -19.99
CA LEU B 58 11.22 -28.09 -20.47
C LEU B 58 12.23 -28.87 -19.66
N THR B 59 11.81 -29.58 -18.60
CA THR B 59 12.72 -30.41 -17.81
C THR B 59 12.05 -31.73 -17.51
N GLU B 60 12.86 -32.78 -17.41
CA GLU B 60 12.30 -34.09 -17.09
C GLU B 60 11.91 -34.21 -15.63
N LYS B 61 12.25 -33.22 -14.80
CA LYS B 61 11.76 -33.22 -13.44
C LYS B 61 10.25 -32.99 -13.37
N LEU B 62 9.66 -32.39 -14.40
CA LEU B 62 8.22 -32.22 -14.51
C LEU B 62 7.75 -33.04 -15.71
N LYS B 63 7.08 -34.16 -15.45
CA LYS B 63 6.69 -35.08 -16.51
C LYS B 63 5.19 -35.13 -16.67
N PRO B 64 4.67 -34.98 -17.89
CA PRO B 64 3.23 -35.17 -18.09
C PRO B 64 2.87 -36.64 -17.97
N VAL B 65 1.59 -36.89 -17.72
CA VAL B 65 1.07 -38.24 -17.55
C VAL B 65 -0.10 -38.42 -18.51
N ASP B 66 0.07 -39.30 -19.48
CA ASP B 66 -0.92 -39.55 -20.53
C ASP B 66 -1.52 -38.26 -21.07
N TYR B 67 -0.63 -37.41 -21.60
CA TYR B 67 -0.96 -36.19 -22.31
C TYR B 67 -1.52 -35.08 -21.42
N GLU B 68 -1.41 -35.22 -20.10
CA GLU B 68 -1.99 -34.25 -19.19
C GLU B 68 -1.00 -33.83 -18.12
N TYR B 69 -1.15 -32.58 -17.67
CA TYR B 69 -0.47 -32.08 -16.47
C TYR B 69 -1.49 -31.19 -15.77
N ARG B 70 -2.12 -31.71 -14.71
CA ARG B 70 -3.29 -31.11 -14.12
C ARG B 70 -3.06 -30.83 -12.64
N GLU B 71 -3.48 -29.64 -12.19
CA GLU B 71 -3.25 -29.23 -10.81
C GLU B 71 -3.97 -30.15 -9.83
N GLU B 72 -3.27 -30.49 -8.75
CA GLU B 72 -3.75 -31.37 -7.68
C GLU B 72 -4.09 -32.77 -8.20
N VAL B 73 -3.57 -33.14 -9.37
CA VAL B 73 -3.66 -34.50 -9.86
C VAL B 73 -2.26 -35.03 -10.11
N HIS B 74 -1.51 -34.34 -10.98
CA HIS B 74 -0.13 -34.66 -11.27
C HIS B 74 0.88 -33.76 -10.56
N TRP B 75 0.49 -32.54 -10.17
CA TRP B 75 1.34 -31.67 -9.38
C TRP B 75 0.55 -31.04 -8.25
N MET B 76 1.17 -31.00 -7.06
CA MET B 76 0.51 -30.56 -5.83
C MET B 76 1.23 -29.35 -5.25
N THR B 77 0.44 -28.36 -4.85
CA THR B 77 0.97 -27.19 -4.23
C THR B 77 1.20 -27.57 -2.80
N HIS B 78 2.17 -26.94 -2.18
CA HIS B 78 2.47 -27.23 -0.81
C HIS B 78 1.31 -26.74 -0.04
N GLN B 79 0.90 -27.49 0.97
CA GLN B 79 -0.19 -27.11 1.84
C GLN B 79 0.48 -27.08 3.19
N PRO B 80 0.37 -25.98 3.94
CA PRO B 80 -0.48 -24.80 3.81
C PRO B 80 -0.03 -23.91 2.70
N ARG B 81 -0.96 -23.25 2.05
CA ARG B 81 -0.63 -22.46 0.89
C ARG B 81 -0.13 -21.14 1.31
N VAL B 82 1.14 -20.85 1.05
CA VAL B 82 1.70 -19.57 1.34
C VAL B 82 1.96 -19.04 -0.04
N GLY B 83 1.44 -17.87 -0.36
CA GLY B 83 1.59 -17.27 -1.67
C GLY B 83 2.69 -16.26 -1.72
N ARG B 84 3.21 -15.97 -2.90
CA ARG B 84 4.30 -15.04 -3.05
C ARG B 84 4.01 -14.18 -4.24
N GLY B 85 4.71 -13.07 -4.34
CA GLY B 85 4.49 -12.13 -5.42
C GLY B 85 3.38 -11.15 -5.12
N SER B 86 3.20 -10.20 -6.03
CA SER B 86 2.27 -9.11 -5.81
C SER B 86 0.86 -9.60 -5.53
N PHE B 87 0.47 -10.72 -6.13
CA PHE B 87 -0.91 -11.20 -6.03
C PHE B 87 -1.01 -12.53 -5.29
N GLY B 88 0.06 -13.03 -4.74
CA GLY B 88 -0.01 -14.34 -4.17
C GLY B 88 -0.21 -15.32 -5.27
N GLU B 89 0.38 -15.06 -6.41
CA GLU B 89 0.23 -15.90 -7.57
C GLU B 89 1.28 -16.93 -7.72
N VAL B 90 2.31 -16.88 -6.89
CA VAL B 90 3.42 -17.80 -6.98
C VAL B 90 3.43 -18.71 -5.80
N HIS B 91 3.48 -20.01 -6.05
CA HIS B 91 3.39 -21.00 -5.02
C HIS B 91 4.40 -22.09 -5.17
N ARG B 92 4.68 -22.79 -4.10
CA ARG B 92 5.62 -23.88 -4.09
C ARG B 92 4.90 -25.14 -4.46
N MET B 93 5.50 -25.99 -5.28
CA MET B 93 4.84 -27.17 -5.78
C MET B 93 5.72 -28.39 -5.85
N LYS B 94 5.14 -29.55 -6.07
CA LYS B 94 5.86 -30.82 -6.13
C LYS B 94 5.23 -31.69 -7.21
N ASP B 95 6.06 -32.24 -8.10
CA ASP B 95 5.59 -33.20 -9.08
C ASP B 95 5.39 -34.54 -8.38
N LYS B 96 4.18 -35.11 -8.50
CA LYS B 96 3.90 -36.34 -7.78
C LYS B 96 4.79 -37.49 -8.26
N GLN B 97 4.92 -37.65 -9.57
CA GLN B 97 5.67 -38.79 -10.08
C GLN B 97 7.13 -38.73 -9.67
N THR B 98 7.74 -37.55 -9.74
CA THR B 98 9.19 -37.43 -9.60
C THR B 98 9.63 -36.87 -8.26
N GLY B 99 8.74 -36.27 -7.49
CA GLY B 99 9.10 -35.69 -6.22
C GLY B 99 9.82 -34.37 -6.31
N PHE B 100 10.16 -33.92 -7.52
CA PHE B 100 10.88 -32.66 -7.67
C PHE B 100 10.01 -31.50 -7.20
N GLN B 101 10.64 -30.58 -6.47
CA GLN B 101 9.98 -29.37 -5.99
C GLN B 101 10.42 -28.18 -6.83
N CYS B 102 9.48 -27.33 -7.20
CA CYS B 102 9.75 -26.20 -8.03
C CYS B 102 8.73 -25.14 -7.67
N ALA B 103 8.49 -24.16 -8.52
CA ALA B 103 7.57 -23.09 -8.23
C ALA B 103 6.67 -22.82 -9.37
N VAL B 104 5.48 -22.27 -9.12
CA VAL B 104 4.50 -22.01 -10.16
C VAL B 104 3.89 -20.67 -10.07
N LYS B 105 3.75 -19.97 -11.18
CA LYS B 105 3.10 -18.69 -11.21
C LYS B 105 1.83 -18.93 -11.87
N LYS B 106 0.74 -18.47 -11.28
CA LYS B 106 -0.52 -18.60 -11.91
C LYS B 106 -0.79 -17.31 -12.60
N VAL B 107 -1.18 -17.34 -13.85
CA VAL B 107 -1.54 -16.19 -14.66
C VAL B 107 -2.92 -16.44 -15.25
N ARG B 108 -3.82 -15.49 -15.06
CA ARG B 108 -5.11 -15.55 -15.74
C ARG B 108 -4.90 -15.61 -17.25
N LEU B 109 -5.56 -16.56 -17.90
CA LEU B 109 -5.37 -16.71 -19.34
C LEU B 109 -5.79 -15.46 -20.08
N GLU B 110 -6.83 -14.80 -19.62
CA GLU B 110 -7.33 -13.63 -20.31
C GLU B 110 -6.33 -12.52 -20.42
N VAL B 111 -5.33 -12.50 -19.55
CA VAL B 111 -4.38 -11.39 -19.48
C VAL B 111 -2.95 -11.91 -19.70
N PHE B 112 -2.83 -13.15 -20.16
CA PHE B 112 -1.52 -13.76 -20.36
C PHE B 112 -0.78 -13.09 -21.51
N ARG B 113 0.51 -12.85 -21.31
CA ARG B 113 1.37 -12.20 -22.29
C ARG B 113 2.48 -13.18 -22.66
N VAL B 114 2.43 -13.72 -23.88
CA VAL B 114 3.41 -14.69 -24.34
C VAL B 114 4.82 -14.15 -24.16
N GLU B 115 5.00 -12.83 -24.27
CA GLU B 115 6.31 -12.22 -24.09
C GLU B 115 6.95 -12.64 -22.77
N GLU B 116 6.13 -12.98 -21.78
CA GLU B 116 6.67 -13.44 -20.50
C GLU B 116 7.49 -14.71 -20.67
N LEU B 117 7.00 -15.69 -21.44
CA LEU B 117 7.76 -16.89 -21.67
C LEU B 117 8.85 -16.57 -22.69
N VAL B 118 8.49 -15.99 -23.84
CA VAL B 118 9.46 -15.66 -24.88
C VAL B 118 10.70 -15.01 -24.28
N ALA B 119 10.51 -14.10 -23.33
CA ALA B 119 11.65 -13.42 -22.71
C ALA B 119 12.65 -14.43 -22.17
N CYS B 120 12.20 -15.26 -21.20
CA CYS B 120 13.07 -16.19 -20.49
C CYS B 120 13.19 -17.59 -21.08
N ALA B 121 12.47 -17.86 -22.15
CA ALA B 121 12.47 -19.18 -22.73
C ALA B 121 13.76 -19.42 -23.45
N GLY B 122 14.49 -20.44 -23.03
CA GLY B 122 15.73 -20.80 -23.69
C GLY B 122 16.94 -20.01 -23.19
N LEU B 123 16.74 -18.96 -22.39
CA LEU B 123 17.88 -18.23 -21.84
C LEU B 123 18.61 -19.12 -20.85
N SER B 124 19.92 -18.89 -20.72
CA SER B 124 20.77 -19.70 -19.86
C SER B 124 21.73 -18.83 -19.04
N SER B 125 21.19 -17.78 -18.39
CA SER B 125 22.03 -16.91 -17.58
C SER B 125 21.82 -17.14 -16.09
N PRO B 126 22.89 -17.16 -15.28
CA PRO B 126 22.71 -17.27 -13.83
C PRO B 126 22.01 -16.06 -13.21
N ARG B 127 21.85 -14.98 -13.92
CA ARG B 127 21.23 -13.80 -13.38
C ARG B 127 19.80 -13.72 -13.84
N ILE B 128 19.24 -14.79 -14.41
CA ILE B 128 17.84 -14.86 -14.78
C ILE B 128 17.29 -16.19 -14.31
N VAL B 129 16.09 -16.20 -13.69
CA VAL B 129 15.52 -17.42 -13.13
C VAL B 129 15.11 -18.37 -14.26
N PRO B 130 15.41 -19.67 -14.14
CA PRO B 130 15.07 -20.54 -15.26
C PRO B 130 13.59 -20.88 -15.45
N LEU B 131 13.14 -21.03 -16.68
CA LEU B 131 11.76 -21.43 -16.98
C LEU B 131 11.77 -22.92 -17.07
N TYR B 132 10.84 -23.58 -16.41
CA TYR B 132 10.74 -25.04 -16.42
C TYR B 132 9.58 -25.56 -17.23
N GLY B 133 8.69 -24.70 -17.67
CA GLY B 133 7.59 -25.12 -18.48
C GLY B 133 6.45 -24.20 -18.33
N ALA B 134 5.37 -24.43 -19.07
CA ALA B 134 4.17 -23.66 -18.93
C ALA B 134 3.01 -24.52 -19.40
N VAL B 135 1.88 -24.58 -18.65
CA VAL B 135 0.76 -25.43 -18.97
C VAL B 135 -0.52 -24.65 -18.75
N ARG B 136 -1.40 -24.67 -19.75
CA ARG B 136 -2.73 -24.11 -19.62
C ARG B 136 -3.68 -25.15 -19.03
N GLU B 137 -4.58 -24.69 -18.17
CA GLU B 137 -5.62 -25.55 -17.61
C GLU B 137 -6.82 -24.65 -17.30
N GLY B 138 -7.78 -24.62 -18.23
CA GLY B 138 -8.97 -23.82 -18.07
C GLY B 138 -8.67 -22.33 -18.18
N PRO B 139 -9.01 -21.57 -17.14
CA PRO B 139 -8.73 -20.12 -17.15
C PRO B 139 -7.34 -19.73 -16.67
N TRP B 140 -6.45 -20.69 -16.48
CA TRP B 140 -5.13 -20.44 -15.91
C TRP B 140 -4.04 -20.84 -16.88
N VAL B 141 -2.95 -20.07 -16.86
CA VAL B 141 -1.68 -20.50 -17.41
C VAL B 141 -0.75 -20.69 -16.22
N ASN B 142 -0.35 -21.93 -15.98
CA ASN B 142 0.55 -22.25 -14.88
C ASN B 142 1.97 -22.26 -15.42
N ILE B 143 2.84 -21.38 -14.93
CA ILE B 143 4.18 -21.27 -15.45
C ILE B 143 5.17 -21.79 -14.42
N PHE B 144 5.89 -22.85 -14.72
CA PHE B 144 6.79 -23.45 -13.76
C PHE B 144 8.18 -22.83 -13.85
N MET B 145 8.92 -22.77 -12.75
CA MET B 145 10.24 -22.17 -12.70
C MET B 145 11.01 -22.70 -11.52
N GLU B 146 12.32 -22.48 -11.44
CA GLU B 146 13.13 -22.91 -10.31
C GLU B 146 12.59 -22.29 -9.02
N LEU B 147 12.80 -22.99 -7.92
CA LEU B 147 12.45 -22.50 -6.59
C LEU B 147 13.71 -21.89 -5.97
N LEU B 148 13.63 -20.61 -5.63
CA LEU B 148 14.75 -19.90 -5.02
C LEU B 148 14.40 -19.70 -3.55
N GLU B 149 15.18 -20.36 -2.68
CA GLU B 149 14.84 -20.44 -1.27
C GLU B 149 15.14 -19.15 -0.51
N GLY B 150 16.10 -18.37 -0.99
CA GLY B 150 16.54 -17.17 -0.30
C GLY B 150 15.57 -16.01 -0.36
N GLY B 151 14.44 -16.15 -1.04
CA GLY B 151 13.44 -15.10 -1.07
C GLY B 151 13.79 -13.98 -2.01
N SER B 152 12.87 -13.03 -2.12
CA SER B 152 13.06 -11.88 -2.99
C SER B 152 13.88 -10.81 -2.27
N LEU B 153 14.56 -9.99 -3.08
CA LEU B 153 15.33 -8.87 -2.53
C LEU B 153 14.42 -7.87 -1.84
N GLY B 154 13.19 -7.68 -2.35
CA GLY B 154 12.25 -6.81 -1.68
C GLY B 154 11.95 -7.27 -0.27
N GLN B 155 12.00 -8.56 -0.02
CA GLN B 155 11.76 -9.04 1.31
C GLN B 155 12.94 -8.78 2.18
N LEU B 156 14.14 -8.86 1.65
CA LEU B 156 15.32 -8.58 2.43
C LEU B 156 15.29 -7.18 2.91
N ILE B 157 14.85 -6.27 2.09
CA ILE B 157 14.88 -4.90 2.48
C ILE B 157 13.97 -4.78 3.67
N LYS B 158 12.85 -5.45 3.65
CA LYS B 158 11.90 -5.35 4.74
C LYS B 158 12.48 -5.92 5.99
N GLN B 159 13.11 -7.05 5.85
CA GLN B 159 13.66 -7.70 6.99
C GLN B 159 14.77 -6.91 7.56
N MET B 160 15.61 -6.36 6.71
CA MET B 160 16.79 -5.65 7.17
C MET B 160 16.61 -4.15 7.21
N GLY B 161 15.43 -3.67 6.93
CA GLY B 161 15.14 -2.26 6.95
C GLY B 161 15.71 -1.53 5.80
N CYS B 162 17.02 -1.48 5.66
CA CYS B 162 17.64 -0.87 4.51
C CYS B 162 18.95 -1.56 4.41
N LEU B 163 19.57 -1.54 3.24
CA LEU B 163 20.80 -2.32 3.02
C LEU B 163 22.09 -1.50 3.02
N PRO B 164 23.20 -2.19 3.34
CA PRO B 164 24.45 -1.48 3.26
C PRO B 164 24.84 -1.20 1.85
N GLU B 165 25.70 -0.23 1.65
CA GLU B 165 26.06 0.19 0.33
C GLU B 165 26.72 -0.88 -0.41
N ASP B 166 27.60 -1.58 0.25
CA ASP B 166 28.34 -2.57 -0.45
C ASP B 166 27.43 -3.62 -1.00
N ARG B 167 26.49 -4.07 -0.20
CA ARG B 167 25.60 -5.13 -0.63
C ARG B 167 24.76 -4.63 -1.74
N ALA B 168 24.30 -3.41 -1.60
CA ALA B 168 23.41 -2.91 -2.59
C ALA B 168 24.09 -2.85 -3.91
N LEU B 169 25.32 -2.40 -3.90
CA LEU B 169 26.05 -2.28 -5.13
C LEU B 169 26.20 -3.64 -5.68
N TYR B 170 26.46 -4.60 -4.81
CA TYR B 170 26.72 -5.93 -5.28
C TYR B 170 25.51 -6.43 -5.98
N TYR B 171 24.36 -6.25 -5.36
CA TYR B 171 23.16 -6.69 -5.99
C TYR B 171 22.83 -5.92 -7.26
N LEU B 172 23.04 -4.62 -7.28
CA LEU B 172 22.68 -3.85 -8.45
C LEU B 172 23.47 -4.33 -9.59
N GLY B 173 24.70 -4.65 -9.34
CA GLY B 173 25.56 -5.07 -10.39
C GLY B 173 25.09 -6.34 -10.98
N GLN B 174 24.59 -7.22 -10.15
CA GLN B 174 24.13 -8.48 -10.61
C GLN B 174 22.87 -8.27 -11.40
N ALA B 175 22.01 -7.40 -10.95
CA ALA B 175 20.82 -7.09 -11.74
C ALA B 175 21.23 -6.54 -13.11
N LEU B 176 22.23 -5.66 -13.13
CA LEU B 176 22.69 -5.08 -14.40
C LEU B 176 23.32 -6.15 -15.28
N GLU B 177 24.06 -7.07 -14.68
CA GLU B 177 24.59 -8.21 -15.43
C GLU B 177 23.46 -8.95 -16.15
N GLY B 178 22.33 -9.14 -15.47
CA GLY B 178 21.18 -9.76 -16.12
C GLY B 178 20.51 -8.85 -17.13
N LEU B 179 20.37 -7.56 -16.80
CA LEU B 179 19.81 -6.61 -17.75
C LEU B 179 20.67 -6.55 -19.01
N GLU B 180 21.99 -6.63 -18.83
CA GLU B 180 22.89 -6.73 -19.96
C GLU B 180 22.50 -7.91 -20.84
N TYR B 181 22.35 -9.10 -20.24
CA TYR B 181 22.00 -10.30 -20.98
C TYR B 181 20.70 -10.12 -21.74
N LEU B 182 19.68 -9.55 -21.09
CA LEU B 182 18.41 -9.31 -21.76
C LEU B 182 18.56 -8.31 -22.90
N HIS B 183 19.32 -7.24 -22.68
CA HIS B 183 19.32 -6.11 -23.60
C HIS B 183 20.07 -6.45 -24.89
N THR B 184 21.18 -7.16 -24.81
CA THR B 184 21.85 -7.57 -26.03
C THR B 184 20.93 -8.43 -26.90
N ARG B 185 20.00 -9.14 -26.26
CA ARG B 185 18.99 -9.95 -26.94
C ARG B 185 17.72 -9.17 -27.25
N ARG B 186 17.76 -7.83 -27.09
CA ARG B 186 16.65 -6.96 -27.44
C ARG B 186 15.40 -7.29 -26.62
N ILE B 187 15.57 -7.71 -25.38
CA ILE B 187 14.46 -7.95 -24.46
C ILE B 187 14.46 -6.87 -23.39
N LEU B 188 13.31 -6.22 -23.21
CA LEU B 188 13.11 -5.21 -22.19
C LEU B 188 12.30 -5.82 -21.06
N HIS B 189 12.85 -5.77 -19.84
CA HIS B 189 12.19 -6.43 -18.70
C HIS B 189 10.88 -5.74 -18.34
N GLY B 190 10.92 -4.45 -18.02
CA GLY B 190 9.73 -3.63 -17.91
C GLY B 190 9.27 -3.36 -16.49
N ASP B 191 9.63 -4.19 -15.52
CA ASP B 191 9.26 -3.96 -14.13
C ASP B 191 10.43 -4.29 -13.19
N VAL B 192 11.61 -3.75 -13.49
CA VAL B 192 12.78 -4.00 -12.65
C VAL B 192 12.55 -3.37 -11.27
N LYS B 193 12.65 -4.17 -10.22
CA LYS B 193 12.51 -3.69 -8.85
C LYS B 193 12.96 -4.80 -7.91
N ALA B 194 13.04 -4.46 -6.62
CA ALA B 194 13.57 -5.40 -5.64
C ALA B 194 12.70 -6.65 -5.54
N ASP B 195 11.39 -6.49 -5.59
CA ASP B 195 10.49 -7.64 -5.50
C ASP B 195 10.76 -8.66 -6.59
N ASN B 196 11.27 -8.22 -7.75
CA ASN B 196 11.51 -9.08 -8.90
C ASN B 196 12.97 -9.53 -9.00
N VAL B 197 13.75 -9.37 -7.95
CA VAL B 197 15.08 -9.96 -7.86
C VAL B 197 15.04 -11.04 -6.78
N LEU B 198 15.44 -12.26 -7.13
CA LEU B 198 15.39 -13.39 -6.22
C LEU B 198 16.80 -13.84 -5.87
N LEU B 199 16.99 -14.25 -4.61
CA LEU B 199 18.30 -14.56 -4.07
C LEU B 199 18.45 -16.06 -3.86
N SER B 200 19.70 -16.50 -3.81
CA SER B 200 20.00 -17.87 -3.43
C SER B 200 19.92 -17.99 -1.90
N SER B 201 20.18 -19.20 -1.40
CA SER B 201 20.01 -19.45 0.03
C SER B 201 21.08 -18.76 0.86
N ASP B 202 22.32 -18.68 0.34
CA ASP B 202 23.37 -17.95 1.06
C ASP B 202 23.34 -16.46 0.76
N GLY B 203 22.51 -16.01 -0.17
CA GLY B 203 22.39 -14.60 -0.47
C GLY B 203 23.44 -14.06 -1.42
N SER B 204 24.20 -14.93 -2.05
CA SER B 204 25.26 -14.51 -2.93
C SER B 204 24.79 -14.24 -4.31
N ARG B 205 23.99 -15.11 -4.88
CA ARG B 205 23.60 -14.96 -6.25
C ARG B 205 22.27 -14.31 -6.29
N ALA B 206 21.99 -13.60 -7.37
CA ALA B 206 20.72 -12.90 -7.50
C ALA B 206 20.25 -13.00 -8.92
N ALA B 207 18.94 -13.16 -9.13
CA ALA B 207 18.40 -13.36 -10.48
C ALA B 207 17.14 -12.54 -10.68
N LEU B 208 16.96 -12.07 -11.90
CA LEU B 208 15.74 -11.37 -12.29
C LEU B 208 14.60 -12.37 -12.50
N CYS B 209 13.38 -11.92 -12.20
CA CYS B 209 12.18 -12.72 -12.38
C CYS B 209 11.02 -11.78 -12.72
N ASP B 210 9.83 -12.36 -12.91
CA ASP B 210 8.60 -11.62 -13.22
C ASP B 210 8.76 -10.81 -14.51
N PHE B 211 8.83 -11.57 -15.61
CA PHE B 211 8.90 -11.01 -16.95
C PHE B 211 7.52 -10.74 -17.56
N GLY B 212 6.50 -10.52 -16.72
CA GLY B 212 5.16 -10.32 -17.24
C GLY B 212 4.94 -9.00 -17.94
N HIS B 213 5.85 -8.04 -17.75
CA HIS B 213 5.79 -6.77 -18.44
C HIS B 213 6.80 -6.68 -19.56
N ALA B 214 7.46 -7.79 -19.88
CA ALA B 214 8.60 -7.81 -20.77
C ALA B 214 8.19 -7.41 -22.18
N LEU B 215 9.17 -6.91 -22.93
CA LEU B 215 8.93 -6.38 -24.25
C LEU B 215 10.02 -6.84 -25.20
N CYS B 216 9.65 -6.97 -26.47
CA CYS B 216 10.57 -7.35 -27.52
C CYS B 216 10.93 -6.10 -28.29
N LEU B 217 12.18 -5.66 -28.21
CA LEU B 217 12.59 -4.44 -28.87
C LEU B 217 12.81 -4.76 -30.31
N GLN B 218 12.86 -3.74 -31.13
CA GLN B 218 12.96 -3.94 -32.54
C GLN B 218 14.35 -4.43 -32.76
N PRO B 219 14.62 -5.04 -33.91
CA PRO B 219 16.03 -5.39 -34.10
C PRO B 219 16.78 -4.10 -34.06
N ASP B 220 16.14 -3.02 -34.51
CA ASP B 220 16.76 -1.71 -34.50
C ASP B 220 17.09 -1.33 -33.07
N GLY B 221 16.23 -1.66 -32.12
CA GLY B 221 16.42 -1.26 -30.74
C GLY B 221 15.93 0.15 -30.63
N LEU B 222 15.31 0.65 -31.68
CA LEU B 222 14.87 2.03 -31.73
C LEU B 222 13.71 2.19 -30.79
N GLY B 223 13.47 3.41 -30.35
CA GLY B 223 12.42 3.62 -29.40
C GLY B 223 11.08 3.25 -29.96
N LYS B 224 10.25 2.56 -29.17
CA LYS B 224 8.91 2.21 -29.58
C LYS B 224 8.02 2.54 -28.43
N SER B 225 6.98 3.33 -28.65
CA SER B 225 6.14 3.74 -27.53
C SER B 225 5.47 2.55 -26.89
N LEU B 226 5.18 2.66 -25.59
CA LEU B 226 4.64 1.51 -24.87
C LEU B 226 3.19 1.55 -24.55
N LEU B 227 2.58 2.72 -24.45
CA LEU B 227 1.21 2.81 -23.95
C LEU B 227 0.23 2.60 -25.10
N THR B 228 0.16 1.36 -25.58
CA THR B 228 -0.70 1.00 -26.69
C THR B 228 -1.42 -0.31 -26.39
N GLY B 229 -2.75 -0.28 -26.49
CA GLY B 229 -3.53 -1.51 -26.45
C GLY B 229 -3.38 -2.27 -25.14
N ASP B 230 -2.99 -3.54 -25.26
CA ASP B 230 -2.99 -4.47 -24.13
C ASP B 230 -1.99 -4.10 -23.03
N TYR B 231 -1.01 -3.25 -23.33
CA TYR B 231 0.13 -3.08 -22.44
C TYR B 231 -0.27 -2.81 -21.00
N ILE B 232 0.34 -3.55 -20.09
CA ILE B 232 0.22 -3.40 -18.65
C ILE B 232 1.54 -2.82 -18.15
N PRO B 233 1.55 -1.66 -17.50
CA PRO B 233 2.82 -1.02 -17.13
C PRO B 233 3.44 -1.67 -15.91
N GLY B 234 4.58 -1.06 -15.50
CA GLY B 234 5.32 -1.53 -14.35
C GLY B 234 5.01 -0.68 -13.11
N THR B 235 5.89 -0.83 -12.11
CA THR B 235 5.68 -0.15 -10.84
C THR B 235 5.81 1.36 -11.01
N GLU B 236 4.82 2.09 -10.47
CA GLU B 236 4.75 3.53 -10.70
C GLU B 236 5.96 4.26 -10.16
N THR B 237 6.43 3.87 -8.98
CA THR B 237 7.58 4.56 -8.40
C THR B 237 8.83 4.40 -9.26
N HIS B 238 8.97 3.28 -9.97
CA HIS B 238 10.17 2.99 -10.74
C HIS B 238 10.05 3.39 -12.21
N MET B 239 8.92 3.98 -12.62
CA MET B 239 8.73 4.36 -14.01
C MET B 239 9.71 5.45 -14.42
N ALA B 240 10.21 5.35 -15.65
CA ALA B 240 11.07 6.36 -16.24
C ALA B 240 10.24 7.48 -16.86
N PRO B 241 10.82 8.65 -16.97
CA PRO B 241 10.01 9.76 -17.44
C PRO B 241 9.39 9.57 -18.80
N GLU B 242 10.03 8.86 -19.68
CA GLU B 242 9.44 8.60 -20.96
C GLU B 242 8.20 7.78 -20.89
N VAL B 243 8.18 6.80 -20.02
CA VAL B 243 7.07 5.89 -19.97
C VAL B 243 5.90 6.71 -19.59
N VAL B 244 6.03 7.52 -18.54
CA VAL B 244 4.85 8.24 -18.09
C VAL B 244 4.41 9.23 -19.16
N MET B 245 5.34 9.84 -19.88
CA MET B 245 4.98 10.85 -20.87
C MET B 245 4.68 10.27 -22.21
N GLY B 246 4.66 8.96 -22.31
CA GLY B 246 4.29 8.32 -23.55
C GLY B 246 5.26 8.52 -24.67
N LYS B 247 6.51 8.78 -24.34
CA LYS B 247 7.53 8.99 -25.33
C LYS B 247 8.04 7.62 -25.70
N PRO B 248 8.83 7.50 -26.77
CA PRO B 248 9.22 6.14 -27.12
C PRO B 248 10.19 5.59 -26.13
N CYS B 249 10.22 4.29 -25.95
CA CYS B 249 11.04 3.70 -24.92
C CYS B 249 11.98 2.59 -25.36
N ASP B 250 13.27 2.73 -25.09
CA ASP B 250 14.25 1.71 -25.38
C ASP B 250 14.66 1.02 -24.07
N ALA B 251 15.67 0.16 -24.14
CA ALA B 251 16.12 -0.57 -22.95
C ALA B 251 16.58 0.35 -21.82
N LYS B 252 16.68 1.66 -22.05
CA LYS B 252 17.14 2.55 -20.99
C LYS B 252 16.14 2.66 -19.85
N VAL B 253 14.86 2.34 -20.07
CA VAL B 253 13.89 2.44 -18.99
C VAL B 253 14.22 1.45 -17.89
N ASP B 254 14.80 0.29 -18.24
CA ASP B 254 15.23 -0.64 -17.21
C ASP B 254 16.37 -0.04 -16.38
N ILE B 255 17.22 0.77 -16.99
CA ILE B 255 18.31 1.40 -16.26
C ILE B 255 17.76 2.37 -15.23
N TRP B 256 16.76 3.17 -15.62
CA TRP B 256 16.07 4.03 -14.67
C TRP B 256 15.57 3.23 -13.47
N SER B 257 14.84 2.15 -13.75
CA SER B 257 14.22 1.38 -12.68
C SER B 257 15.25 0.73 -11.79
N SER B 258 16.29 0.14 -12.38
CA SER B 258 17.33 -0.50 -11.59
C SER B 258 17.93 0.47 -10.58
N CYS B 259 18.00 1.74 -10.90
CA CYS B 259 18.56 2.71 -9.97
C CYS B 259 17.52 3.22 -8.98
N CYS B 260 16.25 3.33 -9.39
CA CYS B 260 15.18 3.48 -8.41
C CYS B 260 15.22 2.35 -7.40
N MET B 261 15.50 1.13 -7.87
CA MET B 261 15.71 0.02 -6.96
C MET B 261 16.91 0.27 -6.05
N MET B 262 17.99 0.86 -6.52
CA MET B 262 19.12 1.18 -5.66
C MET B 262 18.71 2.13 -4.59
N LEU B 263 17.93 3.14 -4.92
CA LEU B 263 17.44 4.01 -3.87
C LEU B 263 16.58 3.23 -2.88
N HIS B 264 15.81 2.27 -3.38
CA HIS B 264 15.00 1.44 -2.49
C HIS B 264 15.88 0.64 -1.53
N MET B 265 16.99 0.09 -2.03
CA MET B 265 17.89 -0.64 -1.15
C MET B 265 18.50 0.28 -0.11
N LEU B 266 18.94 1.48 -0.53
CA LEU B 266 19.68 2.35 0.37
C LEU B 266 18.79 3.04 1.40
N ASN B 267 17.51 3.26 1.08
CA ASN B 267 16.61 4.03 1.91
C ASN B 267 15.59 3.20 2.66
N GLY B 268 15.32 1.99 2.24
CA GLY B 268 14.27 1.23 2.85
C GLY B 268 12.96 1.81 2.44
N CYS B 269 12.96 2.61 1.40
CA CYS B 269 11.75 3.21 0.93
C CYS B 269 11.86 3.50 -0.55
N HIS B 270 10.75 3.59 -1.23
CA HIS B 270 10.76 3.82 -2.66
C HIS B 270 10.93 5.27 -3.00
N PRO B 271 11.50 5.58 -4.17
CA PRO B 271 11.53 7.00 -4.56
C PRO B 271 10.13 7.58 -4.67
N TRP B 272 10.04 8.89 -4.41
CA TRP B 272 8.85 9.69 -4.61
C TRP B 272 7.74 9.46 -3.58
N THR B 273 7.86 8.46 -2.72
CA THR B 273 6.74 8.12 -1.85
C THR B 273 6.65 9.05 -0.66
N GLN B 274 7.79 9.36 -0.03
CA GLN B 274 7.77 10.17 1.18
C GLN B 274 7.31 11.58 0.90
N TYR B 275 7.75 12.12 -0.23
CA TYR B 275 7.53 13.51 -0.53
C TYR B 275 6.20 13.87 -1.10
N PHE B 276 5.61 12.98 -1.84
CA PHE B 276 4.38 13.28 -2.51
C PHE B 276 3.39 12.17 -2.29
N ARG B 277 2.09 12.50 -2.27
CA ARG B 277 1.03 11.49 -2.05
C ARG B 277 0.15 11.31 -3.27
N GLY B 278 -0.34 12.40 -3.86
CA GLY B 278 -1.18 12.29 -5.04
C GLY B 278 -0.42 11.73 -6.22
N PRO B 279 -1.14 11.45 -7.33
CA PRO B 279 -0.58 10.58 -8.38
C PRO B 279 0.89 10.85 -8.70
N LEU B 280 1.71 9.82 -8.54
CA LEU B 280 3.16 10.02 -8.57
C LEU B 280 3.68 10.29 -9.97
N CYS B 281 3.07 9.67 -10.99
CA CYS B 281 3.62 9.75 -12.34
C CYS B 281 3.73 11.18 -12.83
N LEU B 282 2.80 12.06 -12.42
CA LEU B 282 2.85 13.44 -12.87
C LEU B 282 4.08 14.15 -12.34
N LYS B 283 4.57 13.70 -11.16
CA LYS B 283 5.75 14.31 -10.59
C LYS B 283 6.97 13.84 -11.35
N ILE B 284 7.00 12.60 -11.74
CA ILE B 284 8.14 12.04 -12.47
C ILE B 284 8.33 12.79 -13.79
N ALA B 285 7.22 13.19 -14.41
CA ALA B 285 7.32 13.95 -15.66
C ALA B 285 7.83 15.36 -15.43
N SER B 286 7.35 16.04 -14.38
CA SER B 286 7.63 17.45 -14.18
C SER B 286 8.92 17.68 -13.37
N GLU B 287 8.99 17.09 -12.18
CA GLU B 287 10.07 17.37 -11.24
C GLU B 287 11.37 16.70 -11.68
N PRO B 288 12.50 17.16 -11.16
CA PRO B 288 13.79 16.60 -11.59
C PRO B 288 13.93 15.15 -11.16
N PRO B 289 14.95 14.46 -11.69
CA PRO B 289 15.19 13.11 -11.24
C PRO B 289 15.39 13.01 -9.77
N PRO B 290 15.11 11.86 -9.19
CA PRO B 290 15.19 11.75 -7.74
C PRO B 290 16.58 11.45 -7.19
N ILE B 291 17.57 12.28 -7.51
CA ILE B 291 18.93 12.10 -7.00
C ILE B 291 19.04 12.74 -5.65
N ARG B 292 18.02 13.50 -5.28
CA ARG B 292 17.96 14.13 -3.97
C ARG B 292 18.00 13.03 -2.99
N GLU B 293 17.36 11.93 -3.32
CA GLU B 293 17.22 10.85 -2.39
C GLU B 293 18.45 10.02 -2.15
N ILE B 294 19.50 10.21 -2.90
CA ILE B 294 20.73 9.48 -2.64
C ILE B 294 21.23 9.89 -1.27
N PRO B 295 21.45 8.92 -0.35
CA PRO B 295 22.02 9.28 0.95
C PRO B 295 23.35 9.98 0.81
N PRO B 296 23.64 10.98 1.65
CA PRO B 296 24.96 11.63 1.58
C PRO B 296 26.09 10.80 2.19
N SER B 297 25.76 9.76 2.95
CA SER B 297 26.80 8.85 3.44
C SER B 297 27.56 8.23 2.27
N CYS B 298 26.91 8.11 1.12
CA CYS B 298 27.44 7.32 0.02
C CYS B 298 28.74 7.90 -0.51
N ALA B 299 29.60 7.02 -1.01
CA ALA B 299 30.81 7.45 -1.69
C ALA B 299 30.46 8.19 -2.98
N PRO B 300 31.31 9.11 -3.43
CA PRO B 300 30.99 9.85 -4.67
C PRO B 300 30.78 8.96 -5.88
N LEU B 301 31.57 7.89 -6.03
CA LEU B 301 31.39 7.01 -7.19
C LEU B 301 30.06 6.27 -7.13
N THR B 302 29.67 5.78 -5.97
CA THR B 302 28.39 5.13 -5.85
C THR B 302 27.35 6.08 -6.33
N ALA B 303 27.32 7.27 -5.79
CA ALA B 303 26.36 8.26 -6.24
C ALA B 303 26.43 8.45 -7.74
N GLN B 304 27.64 8.58 -8.29
CA GLN B 304 27.76 8.90 -9.71
C GLN B 304 27.06 7.86 -10.57
N ALA B 305 27.22 6.58 -10.23
CA ALA B 305 26.44 5.55 -10.91
C ALA B 305 24.95 5.84 -10.82
N ILE B 306 24.45 6.18 -9.64
CA ILE B 306 23.01 6.35 -9.49
C ILE B 306 22.57 7.48 -10.38
N GLN B 307 23.29 8.58 -10.36
CA GLN B 307 22.87 9.76 -11.11
C GLN B 307 22.81 9.51 -12.59
N GLU B 308 23.80 8.82 -13.11
CA GLU B 308 23.85 8.51 -14.54
C GLU B 308 22.73 7.59 -14.94
N GLY B 309 22.42 6.62 -14.12
CA GLY B 309 21.30 5.75 -14.37
C GLY B 309 19.99 6.48 -14.31
N LEU B 310 19.89 7.51 -13.48
CA LEU B 310 18.67 8.27 -13.30
C LEU B 310 18.64 9.56 -14.10
N ARG B 311 19.47 9.68 -15.12
CA ARG B 311 19.40 10.86 -15.97
C ARG B 311 18.09 10.85 -16.73
N LYS B 312 17.46 12.00 -16.89
CA LYS B 312 16.13 12.07 -17.52
C LYS B 312 15.98 11.65 -18.96
N GLU B 313 16.95 11.95 -19.81
CA GLU B 313 16.84 11.66 -21.23
C GLU B 313 17.53 10.38 -21.57
N PRO B 314 16.84 9.46 -22.24
CA PRO B 314 17.50 8.18 -22.46
C PRO B 314 18.87 8.30 -23.10
N VAL B 315 19.13 9.30 -23.93
CA VAL B 315 20.41 9.41 -24.61
C VAL B 315 21.53 9.56 -23.60
N HIS B 316 21.35 10.45 -22.62
CA HIS B 316 22.34 10.64 -21.57
C HIS B 316 22.36 9.51 -20.57
N ARG B 317 21.26 8.76 -20.44
CA ARG B 317 21.18 7.70 -19.45
C ARG B 317 22.11 6.55 -19.80
N ALA B 318 22.77 6.01 -18.77
CA ALA B 318 23.72 4.94 -18.99
C ALA B 318 23.03 3.69 -19.51
N SER B 319 23.77 2.93 -20.31
CA SER B 319 23.32 1.62 -20.73
C SER B 319 23.60 0.58 -19.64
N ALA B 320 23.06 -0.62 -19.84
CA ALA B 320 23.32 -1.70 -18.90
C ALA B 320 24.82 -1.97 -18.80
N MET B 321 25.48 -2.14 -19.95
CA MET B 321 26.92 -2.36 -19.99
C MET B 321 27.67 -1.24 -19.30
N GLU B 322 27.32 0.00 -19.63
CA GLU B 322 28.02 1.16 -19.08
C GLU B 322 27.89 1.19 -17.57
N LEU B 323 26.67 1.10 -17.05
CA LEU B 323 26.43 1.32 -15.63
C LEU B 323 26.96 0.17 -14.79
N ARG B 324 27.02 -1.03 -15.40
CA ARG B 324 27.55 -2.19 -14.71
C ARG B 324 28.97 -1.95 -14.38
N ARG B 325 29.70 -1.29 -15.23
CA ARG B 325 31.11 -1.08 -15.04
C ARG B 325 31.34 -0.04 -13.98
N LYS B 326 30.55 1.04 -14.01
CA LYS B 326 30.71 2.04 -12.97
C LYS B 326 30.38 1.45 -11.60
N VAL B 327 29.33 0.67 -11.50
CA VAL B 327 28.97 0.04 -10.24
C VAL B 327 30.07 -0.91 -9.82
N GLY B 328 30.63 -1.65 -10.78
CA GLY B 328 31.70 -2.56 -10.43
C GLY B 328 32.87 -1.87 -9.76
N LYS B 329 33.22 -0.66 -10.23
CA LYS B 329 34.28 0.10 -9.59
C LYS B 329 33.82 0.68 -8.26
N ALA B 330 32.61 1.21 -8.16
CA ALA B 330 32.16 1.70 -6.88
C ALA B 330 32.35 0.66 -5.83
N LEU B 331 31.99 -0.56 -6.13
CA LEU B 331 32.09 -1.56 -5.12
C LEU B 331 33.53 -1.69 -4.82
N GLN B 332 34.39 -1.65 -5.83
CA GLN B 332 35.84 -1.73 -5.59
C GLN B 332 36.31 -0.62 -4.66
N GLU B 333 35.75 0.59 -4.82
CA GLU B 333 36.20 1.73 -4.03
C GLU B 333 35.84 1.58 -2.56
N VAL B 334 34.77 0.85 -2.26
CA VAL B 334 34.31 0.67 -0.89
C VAL B 334 34.81 -0.65 -0.37
N GLY B 335 35.77 -1.27 -1.03
CA GLY B 335 36.41 -2.47 -0.51
C GLY B 335 35.66 -3.76 -0.72
N GLY B 336 34.82 -3.84 -1.75
CA GLY B 336 34.16 -5.09 -2.09
C GLY B 336 33.03 -5.45 -1.13
N LEU B 337 32.56 -6.68 -1.27
CA LEU B 337 31.47 -7.21 -0.44
C LEU B 337 32.03 -7.55 0.92
N LYS B 338 31.65 -6.76 1.94
CA LYS B 338 32.07 -7.00 3.31
C LYS B 338 30.92 -7.50 4.18
N SER B 339 29.83 -6.75 4.25
CA SER B 339 28.73 -6.96 5.17
C SER B 339 28.24 -8.41 5.14
N PRO B 340 27.60 -8.88 6.22
CA PRO B 340 27.09 -10.25 6.21
C PRO B 340 25.74 -10.31 5.52
N TRP B 341 25.35 -11.48 5.01
CA TRP B 341 24.12 -11.53 4.24
C TRP B 341 22.99 -10.91 4.97
N LYS B 342 22.65 -11.48 6.10
CA LYS B 342 21.61 -10.92 6.90
C LYS B 342 22.36 -10.57 8.14
N GLY B 343 22.37 -9.30 8.52
CA GLY B 343 23.10 -8.85 9.68
C GLY B 343 22.27 -8.14 10.70
N GLU B 344 22.14 -6.83 10.59
CA GLU B 344 21.43 -6.06 11.60
C GLU B 344 20.52 -5.02 11.00
N TYR B 345 19.39 -4.79 11.64
CA TYR B 345 18.40 -3.91 11.09
C TYR B 345 19.01 -2.56 11.03
N LYS B 346 18.73 -1.83 9.96
CA LYS B 346 19.21 -0.50 9.82
C LYS B 346 17.95 0.24 9.62
N GLU B 347 17.86 1.42 10.18
CA GLU B 347 16.58 2.12 10.15
C GLU B 347 16.35 2.79 8.86
N PRO B 348 15.20 2.54 8.26
CA PRO B 348 14.99 3.31 7.06
C PRO B 348 14.88 4.78 7.33
N ARG B 349 15.49 5.61 6.51
CA ARG B 349 15.34 7.05 6.64
C ARG B 349 14.58 7.53 7.85
S SO4 C . -18.76 34.93 18.78
O1 SO4 C . -19.20 33.55 19.00
O2 SO4 C . -18.03 35.40 19.96
O3 SO4 C . -17.90 35.00 17.61
O4 SO4 C . -19.95 35.76 18.58
S SO4 D . 4.99 23.59 19.33
O1 SO4 D . 4.14 23.86 20.49
O2 SO4 D . 5.71 22.31 19.55
O3 SO4 D . 5.97 24.68 19.18
O4 SO4 D . 4.19 23.49 18.10
S SO4 E . 4.59 -4.29 6.71
O1 SO4 E . 4.93 -5.55 6.05
O2 SO4 E . 5.78 -3.65 7.27
O3 SO4 E . 3.67 -4.54 7.82
O4 SO4 E . 3.99 -3.40 5.73
S SO4 F . -13.49 -9.19 20.43
O1 SO4 F . -12.72 -10.01 21.36
O2 SO4 F . -14.38 -10.05 19.64
O3 SO4 F . -12.61 -8.46 19.54
O4 SO4 F . -14.30 -8.21 21.16
C4 DYQ G . -11.60 3.25 8.08
C14 DYQ G . -16.07 2.83 13.42
C6 DYQ G . -11.64 4.16 9.23
C11 DYQ G . -13.37 2.34 13.32
C8 DYQ G . -12.49 3.66 10.29
C9 DYQ G . -13.20 3.35 11.20
C10 DYQ G . -14.00 2.98 12.30
C12 DYQ G . -14.10 1.93 14.42
C13 DYQ G . -15.46 2.18 14.47
C3 DYQ G . -11.05 3.79 6.80
C15 DYQ G . -15.35 3.22 12.33
C18 DYQ G . -11.89 -0.04 16.13
C19 DYQ G . -10.73 -0.85 15.99
C2 DYQ G . -10.18 3.03 7.74
C22 DYQ G . -12.68 0.27 17.26
C23 DYQ G . -13.66 1.10 16.75
C25 DYQ G . -14.61 1.33 18.71
C26 DYQ G . -13.70 0.52 19.32
C27 DYQ G . -12.69 -0.05 18.60
C28 DYQ G . -10.23 4.36 9.66
C31 DYQ G . -8.01 3.66 8.84
N16 DYQ G . -13.41 1.25 15.41
N17 DYQ G . -12.33 0.55 15.03
N20 DYQ G . -9.84 -0.31 15.10
N24 DYQ G . -14.65 1.67 17.43
N30 DYQ G . -9.44 3.69 8.76
O21 DYQ G . -10.58 -1.90 16.58
O29 DYQ G . -9.89 5.01 10.62
O7 DYQ G . -12.15 5.36 8.77
H5 DYQ G . -12.29 2.42 8.09
H37 DYQ G . -17.14 3.02 13.46
H35 DYQ G . -12.31 2.19 13.21
H36 DYQ G . -16.07 1.88 15.29
H32 DYQ G . -11.51 3.37 5.93
H33 DYQ G . -10.79 4.83 6.66
H38 DYQ G . -15.81 3.74 11.50
H1 DYQ G . -9.86 2.02 7.50
H41 DYQ G . -15.41 1.78 19.29
H42 DYQ G . -13.79 0.33 20.38
H43 DYQ G . -11.94 -0.69 19.05
H45 DYQ G . -7.71 3.14 9.75
H46 DYQ G . -7.62 4.67 8.84
H44 DYQ G . -7.66 3.12 7.97
H40 DYQ G . -9.71 -0.74 14.20
H39 DYQ G . -9.56 0.66 15.17
H34 DYQ G . -13.09 5.17 8.60
S SO4 H . 16.58 -31.75 -17.05
O1 SO4 H . 15.68 -32.52 -16.20
O2 SO4 H . 17.96 -32.13 -16.78
O3 SO4 H . 16.27 -32.02 -18.45
O4 SO4 H . 16.43 -30.32 -16.78
S SO4 I . 12.12 -32.45 -28.56
O1 SO4 I . 12.92 -33.27 -27.65
O2 SO4 I . 11.03 -33.26 -29.11
O3 SO4 I . 12.95 -31.96 -29.65
O4 SO4 I . 11.55 -31.31 -27.84
C4 DYQ J . 7.66 -16.87 -14.95
C14 DYQ J . 6.41 -13.16 -9.13
C6 DYQ J . 8.39 -15.72 -14.42
C11 DYQ J . 8.22 -15.17 -9.57
C8 DYQ J . 8.02 -15.40 -13.06
C9 DYQ J . 7.80 -15.04 -11.94
C10 DYQ J . 7.56 -14.60 -10.61
C12 DYQ J . 7.98 -14.74 -8.28
C13 DYQ J . 7.06 -13.73 -8.07
C3 DYQ J . 7.88 -17.22 -16.40
C15 DYQ J . 6.66 -13.60 -10.40
C18 DYQ J . 9.81 -16.93 -6.33
C19 DYQ J . 10.49 -18.17 -6.25
C2 DYQ J . 8.65 -17.92 -15.30
C22 DYQ J . 9.67 -15.95 -5.34
C23 DYQ J . 8.93 -14.96 -5.93
C25 DYQ J . 8.96 -13.72 -4.11
C26 DYQ J . 9.70 -14.63 -3.42
C27 DYQ J . 10.09 -15.80 -4.03
C28 DYQ J . 9.84 -16.12 -14.46
C31 DYQ J . 11.11 -18.13 -15.12
N16 DYQ J . 8.67 -15.38 -7.22
N17 DYQ J . 9.21 -16.57 -7.46
N20 DYQ J . 10.81 -18.69 -7.48
N24 DYQ J . 8.55 -13.83 -5.37
N30 DYQ J . 9.90 -17.39 -14.94
O21 DYQ J . 10.75 -18.67 -5.17
O29 DYQ J . 10.77 -15.44 -14.06
O7 DYQ J . 8.06 -14.71 -15.31
H5 DYQ J . 6.72 -17.12 -14.49
H37 DYQ J . 5.69 -12.36 -8.96
H35 DYQ J . 8.92 -15.96 -9.82
H36 DYQ J . 6.81 -13.35 -7.10
H32 DYQ J . 6.98 -17.52 -16.87
H33 DYQ J . 8.49 -16.66 -17.08
H38 DYQ J . 6.14 -13.16 -11.24
H1 DYQ J . 8.45 -18.93 -14.99
H41 DYQ J . 8.66 -12.79 -3.63
H42 DYQ J . 9.99 -14.44 -2.40
H43 DYQ J . 10.67 -16.53 -3.49
H45 DYQ J . 11.76 -18.01 -14.24
H46 DYQ J . 11.63 -17.79 -16.02
H44 DYQ J . 10.84 -19.18 -15.22
H40 DYQ J . 10.78 -19.68 -7.64
H39 DYQ J . 10.92 -18.10 -8.31
H34 DYQ J . 8.73 -14.70 -15.99
#